data_8WRG
#
_entry.id   8WRG
#
_entity_poly.entity_id   1
_entity_poly.type   'polypeptide(L)'
_entity_poly.pdbx_seq_one_letter_code
;MHHHHHHGSGTNVDLGTLEGDGMNIEGEELMPSLQEALSSDILNDMESVLAATKLDKESFLTWL
;
_entity_poly.pdbx_strand_id   A
#
# COMPACT_ATOMS: atom_id res chain seq x y z
N HIS A 6 28.02 12.60 -21.58
CA HIS A 6 28.57 11.46 -20.80
C HIS A 6 27.56 10.97 -19.76
N HIS A 7 26.58 11.81 -19.46
CA HIS A 7 25.55 11.46 -18.49
C HIS A 7 24.16 11.85 -18.99
N GLY A 8 23.18 10.97 -18.77
CA GLY A 8 21.83 11.24 -19.21
C GLY A 8 21.55 10.70 -20.59
N SER A 9 22.59 10.69 -21.44
CA SER A 9 22.45 10.20 -22.79
C SER A 9 22.96 8.75 -22.90
N GLY A 10 22.58 8.08 -23.97
CA GLY A 10 23.00 6.71 -24.18
C GLY A 10 21.87 5.71 -23.99
N THR A 11 21.43 5.55 -22.75
CA THR A 11 20.34 4.62 -22.44
C THR A 11 19.02 5.36 -22.27
N ASN A 12 17.92 4.62 -22.37
CA ASN A 12 16.59 5.20 -22.21
C ASN A 12 15.86 4.58 -21.03
N VAL A 13 16.60 3.87 -20.19
CA VAL A 13 16.03 3.22 -19.02
C VAL A 13 16.25 4.06 -17.77
N ASP A 14 16.37 5.37 -17.96
CA ASP A 14 16.58 6.30 -16.84
C ASP A 14 15.37 6.32 -15.92
N LEU A 15 14.27 6.90 -16.41
CA LEU A 15 13.05 6.99 -15.63
C LEU A 15 12.23 5.72 -15.75
N GLY A 16 12.55 4.90 -16.76
CA GLY A 16 11.83 3.66 -16.97
C GLY A 16 12.33 2.54 -16.06
N THR A 17 11.45 2.06 -15.19
CA THR A 17 11.80 0.98 -14.28
C THR A 17 11.28 -0.36 -14.77
N LEU A 18 10.12 -0.34 -15.40
CA LEU A 18 9.50 -1.56 -15.93
C LEU A 18 9.96 -1.81 -17.37
N GLU A 19 10.43 -3.03 -17.62
CA GLU A 19 10.90 -3.42 -18.95
C GLU A 19 9.78 -4.08 -19.74
N GLY A 20 9.37 -3.43 -20.83
CA GLY A 20 8.31 -3.97 -21.67
C GLY A 20 6.97 -3.31 -21.40
N ASP A 21 6.15 -3.22 -22.44
CA ASP A 21 4.83 -2.60 -22.32
C ASP A 21 3.77 -3.41 -23.06
N GLY A 22 2.60 -3.56 -22.46
CA GLY A 22 1.54 -4.31 -23.08
C GLY A 22 0.21 -4.15 -22.35
N MET A 23 -0.43 -3.00 -22.53
CA MET A 23 -1.71 -2.74 -21.89
C MET A 23 -2.86 -2.95 -22.87
N ASN A 24 -2.72 -3.94 -23.74
CA ASN A 24 -3.75 -4.25 -24.72
C ASN A 24 -5.01 -4.77 -24.04
N ILE A 25 -4.86 -5.24 -22.80
CA ILE A 25 -5.99 -5.76 -22.04
C ILE A 25 -6.29 -4.87 -20.84
N GLU A 26 -5.25 -4.52 -20.09
CA GLU A 26 -5.40 -3.68 -18.91
C GLU A 26 -5.79 -2.26 -19.31
N GLY A 27 -6.09 -1.43 -18.31
CA GLY A 27 -6.48 -0.06 -18.57
C GLY A 27 -7.25 0.55 -17.42
N GLU A 28 -6.70 0.44 -16.22
CA GLU A 28 -7.34 0.99 -15.03
C GLU A 28 -6.57 2.20 -14.51
N GLU A 29 -5.35 1.96 -14.02
CA GLU A 29 -4.52 3.03 -13.49
C GLU A 29 -3.52 3.52 -14.54
N LEU A 30 -3.72 4.75 -15.00
CA LEU A 30 -2.84 5.35 -16.00
C LEU A 30 -1.87 6.33 -15.35
N MET A 31 -1.66 6.18 -14.05
CA MET A 31 -0.76 7.05 -13.31
C MET A 31 0.70 6.69 -13.59
N PRO A 32 1.56 7.69 -13.86
CA PRO A 32 2.98 7.45 -14.14
C PRO A 32 3.77 7.13 -12.87
N SER A 33 4.35 5.93 -12.82
CA SER A 33 5.14 5.50 -11.68
C SER A 33 4.31 5.55 -10.40
N LEU A 34 3.47 4.55 -10.21
CA LEU A 34 2.61 4.47 -9.02
C LEU A 34 2.20 3.04 -8.73
N GLN A 35 3.00 2.34 -7.93
CA GLN A 35 2.72 0.95 -7.58
C GLN A 35 2.99 0.69 -6.10
N GLU A 36 4.25 0.83 -5.70
CA GLU A 36 4.65 0.61 -4.32
C GLU A 36 4.27 -0.80 -3.86
N ALA A 37 5.16 -1.75 -4.11
CA ALA A 37 4.93 -3.13 -3.73
C ALA A 37 5.31 -3.38 -2.27
N LEU A 38 5.39 -2.31 -1.50
CA LEU A 38 5.74 -2.40 -0.09
C LEU A 38 4.53 -2.82 0.75
N SER A 39 4.78 -3.61 1.79
CA SER A 39 3.70 -4.09 2.65
C SER A 39 3.85 -3.51 4.06
N SER A 40 3.24 -2.35 4.28
CA SER A 40 3.30 -1.69 5.58
C SER A 40 1.95 -1.11 5.96
N ASP A 41 1.77 -0.82 7.25
CA ASP A 41 0.53 -0.26 7.76
C ASP A 41 0.76 0.43 9.10
N ILE A 42 0.35 1.69 9.20
CA ILE A 42 0.51 2.45 10.44
C ILE A 42 -0.83 2.72 11.11
N LEU A 43 -1.85 1.96 10.70
CA LEU A 43 -3.18 2.12 11.27
C LEU A 43 -3.51 0.97 12.23
N ASN A 44 -3.10 1.14 13.49
CA ASN A 44 -3.33 0.12 14.51
C ASN A 44 -4.47 0.53 15.43
N ASP A 45 -5.33 1.43 14.95
CA ASP A 45 -6.46 1.90 15.75
C ASP A 45 -7.69 1.04 15.49
N MET A 46 -7.64 0.21 14.46
CA MET A 46 -8.76 -0.67 14.15
C MET A 46 -8.79 -1.84 15.11
N GLU A 47 -7.65 -2.49 15.29
CA GLU A 47 -7.56 -3.62 16.21
C GLU A 47 -8.04 -3.17 17.58
N SER A 48 -7.82 -1.89 17.87
CA SER A 48 -8.24 -1.29 19.13
C SER A 48 -9.66 -0.76 19.02
N VAL A 49 -10.09 -0.42 17.80
CA VAL A 49 -11.44 0.10 17.59
C VAL A 49 -12.49 -0.95 17.93
N LEU A 50 -12.11 -2.21 17.82
CA LEU A 50 -13.02 -3.32 18.12
C LEU A 50 -13.23 -3.46 19.62
N ALA A 51 -12.32 -2.87 20.39
CA ALA A 51 -12.38 -2.92 21.85
C ALA A 51 -12.21 -4.34 22.37
N ALA A 52 -11.93 -5.27 21.46
CA ALA A 52 -11.73 -6.67 21.83
C ALA A 52 -12.93 -7.21 22.62
N THR A 53 -14.12 -6.74 22.27
CA THR A 53 -15.34 -7.16 22.97
C THR A 53 -15.28 -6.83 24.45
N LYS A 54 -15.78 -5.65 24.80
CA LYS A 54 -15.78 -5.21 26.20
C LYS A 54 -16.98 -4.31 26.48
N LEU A 55 -17.39 -3.54 25.47
CA LEU A 55 -18.52 -2.63 25.61
C LEU A 55 -19.83 -3.39 25.66
N ASP A 56 -19.92 -4.47 24.87
CA ASP A 56 -21.13 -5.28 24.84
C ASP A 56 -21.08 -6.38 25.90
N LYS A 57 -19.95 -6.48 26.59
CA LYS A 57 -19.77 -7.49 27.63
C LYS A 57 -20.03 -6.89 29.01
N GLU A 58 -21.05 -7.41 29.68
CA GLU A 58 -21.42 -6.93 31.02
C GLU A 58 -20.44 -7.45 32.06
N SER A 59 -19.34 -6.74 32.24
CA SER A 59 -18.32 -7.13 33.22
C SER A 59 -17.80 -5.90 33.97
N PHE A 60 -17.80 -6.00 35.30
CA PHE A 60 -17.32 -4.90 36.14
C PHE A 60 -15.92 -5.17 36.66
N LEU A 61 -15.16 -4.10 36.86
CA LEU A 61 -13.79 -4.21 37.37
C LEU A 61 -13.55 -3.22 38.50
N THR A 62 -14.46 -2.27 38.65
CA THR A 62 -14.35 -1.25 39.69
C THR A 62 -14.90 -1.77 41.01
N TRP A 63 -14.01 -2.17 41.91
CA TRP A 63 -14.40 -2.68 43.22
C TRP A 63 -14.16 -1.65 44.31
N LEU A 64 -15.07 -1.58 45.28
CA LEU A 64 -14.97 -0.65 46.38
C LEU A 64 -15.06 -1.37 47.71
N HIS A 6 29.52 5.20 -28.18
CA HIS A 6 29.08 6.35 -29.00
C HIS A 6 27.57 6.57 -28.86
N HIS A 7 27.20 7.64 -28.17
CA HIS A 7 25.80 7.97 -27.95
C HIS A 7 25.14 8.46 -29.24
N GLY A 8 23.86 8.15 -29.40
CA GLY A 8 23.14 8.56 -30.60
C GLY A 8 21.70 8.94 -30.31
N SER A 9 20.83 7.93 -30.27
CA SER A 9 19.41 8.16 -30.00
C SER A 9 19.12 8.07 -28.50
N GLY A 10 20.06 7.54 -27.76
CA GLY A 10 19.89 7.40 -26.32
C GLY A 10 20.19 6.00 -25.83
N THR A 11 21.36 5.49 -26.18
CA THR A 11 21.76 4.14 -25.78
C THR A 11 22.76 4.20 -24.63
N ASN A 12 22.36 3.66 -23.48
CA ASN A 12 23.22 3.65 -22.30
C ASN A 12 23.39 2.23 -21.77
N VAL A 13 24.62 1.87 -21.42
CA VAL A 13 24.92 0.54 -20.89
C VAL A 13 26.00 0.60 -19.83
N ASP A 14 26.97 1.50 -20.03
CA ASP A 14 28.07 1.66 -19.08
C ASP A 14 27.70 2.64 -17.98
N LEU A 15 26.62 3.39 -18.20
CA LEU A 15 26.16 4.36 -17.22
C LEU A 15 25.27 3.70 -16.17
N GLY A 16 24.61 2.62 -16.57
CA GLY A 16 23.74 1.90 -15.66
C GLY A 16 22.57 1.25 -16.37
N THR A 17 21.76 0.51 -15.61
CA THR A 17 20.60 -0.17 -16.18
C THR A 17 19.38 -0.03 -15.25
N LEU A 18 19.53 -0.49 -14.02
CA LEU A 18 18.46 -0.43 -13.04
C LEU A 18 17.20 -1.14 -13.55
N GLU A 19 17.09 -2.42 -13.23
CA GLU A 19 15.94 -3.22 -13.66
C GLU A 19 14.96 -3.41 -12.51
N GLY A 20 13.74 -2.92 -12.69
CA GLY A 20 12.72 -3.05 -11.67
C GLY A 20 11.74 -1.89 -11.68
N ASP A 21 10.48 -2.19 -11.38
CA ASP A 21 9.44 -1.18 -11.35
C ASP A 21 8.80 -1.09 -9.96
N GLY A 22 8.68 0.12 -9.44
CA GLY A 22 8.10 0.31 -8.12
C GLY A 22 6.79 1.08 -8.17
N MET A 23 6.74 2.12 -9.00
CA MET A 23 5.55 2.94 -9.14
C MET A 23 4.44 2.17 -9.85
N ASN A 24 4.84 1.34 -10.82
CA ASN A 24 3.89 0.53 -11.59
C ASN A 24 2.91 1.42 -12.35
N ILE A 25 1.82 1.79 -11.68
CA ILE A 25 0.79 2.63 -12.31
C ILE A 25 0.22 3.64 -11.32
N GLU A 26 1.03 4.00 -10.32
CA GLU A 26 0.60 4.97 -9.31
C GLU A 26 0.58 6.39 -9.89
N GLY A 27 -0.49 6.71 -10.61
CA GLY A 27 -0.62 8.02 -11.20
C GLY A 27 -1.07 9.08 -10.21
N GLU A 28 -1.45 10.24 -10.72
CA GLU A 28 -1.90 11.34 -9.88
C GLU A 28 -3.42 11.36 -9.75
N GLU A 29 -4.03 10.18 -9.79
CA GLU A 29 -5.48 10.07 -9.69
C GLU A 29 -5.92 10.14 -8.22
N LEU A 30 -6.89 11.01 -7.94
CA LEU A 30 -7.39 11.17 -6.58
C LEU A 30 -8.79 10.55 -6.44
N MET A 31 -9.35 10.13 -7.57
CA MET A 31 -10.68 9.52 -7.58
C MET A 31 -10.66 8.16 -6.88
N PRO A 32 -11.75 7.81 -6.19
CA PRO A 32 -11.85 6.52 -5.47
C PRO A 32 -11.94 5.34 -6.42
N SER A 33 -10.80 4.72 -6.72
CA SER A 33 -10.75 3.57 -7.62
C SER A 33 -10.85 2.27 -6.84
N LEU A 34 -9.97 2.11 -5.86
CA LEU A 34 -9.96 0.91 -5.03
C LEU A 34 -10.92 1.03 -3.86
N GLN A 35 -11.84 0.07 -3.75
CA GLN A 35 -12.82 0.06 -2.67
C GLN A 35 -12.85 -1.29 -1.97
N GLU A 36 -12.53 -2.35 -2.72
CA GLU A 36 -12.51 -3.70 -2.18
C GLU A 36 -11.12 -4.31 -2.31
N ALA A 37 -10.84 -5.31 -1.48
CA ALA A 37 -9.54 -5.98 -1.51
C ALA A 37 -9.64 -7.39 -0.95
N LEU A 38 -9.77 -7.49 0.38
CA LEU A 38 -9.86 -8.78 1.03
C LEU A 38 -11.24 -8.98 1.66
N SER A 39 -11.91 -10.06 1.29
CA SER A 39 -13.24 -10.37 1.82
C SER A 39 -13.58 -11.84 1.63
N SER A 40 -13.16 -12.67 2.59
CA SER A 40 -13.40 -14.10 2.54
C SER A 40 -13.58 -14.67 3.94
N ASP A 41 -12.80 -14.16 4.88
CA ASP A 41 -12.87 -14.61 6.27
C ASP A 41 -14.08 -14.02 6.98
N ILE A 42 -14.75 -14.83 7.78
CA ILE A 42 -15.93 -14.39 8.52
C ILE A 42 -15.87 -14.84 9.97
N LEU A 43 -14.68 -15.20 10.43
CA LEU A 43 -14.48 -15.65 11.80
C LEU A 43 -13.17 -15.10 12.37
N ASN A 44 -12.21 -14.86 11.50
CA ASN A 44 -10.91 -14.33 11.91
C ASN A 44 -10.93 -12.81 11.97
N ASP A 45 -12.11 -12.23 11.73
CA ASP A 45 -12.27 -10.79 11.74
C ASP A 45 -12.50 -10.27 13.15
N MET A 46 -13.39 -10.90 13.89
CA MET A 46 -13.67 -10.47 15.26
C MET A 46 -12.39 -10.44 16.08
N GLU A 47 -11.57 -11.48 15.91
CA GLU A 47 -10.30 -11.56 16.62
C GLU A 47 -9.50 -10.29 16.37
N SER A 48 -9.66 -9.75 15.18
CA SER A 48 -8.99 -8.52 14.78
C SER A 48 -9.82 -7.30 15.17
N VAL A 49 -11.15 -7.48 15.22
CA VAL A 49 -12.05 -6.39 15.58
C VAL A 49 -11.75 -5.88 16.99
N LEU A 50 -11.64 -6.80 17.94
CA LEU A 50 -11.36 -6.45 19.33
C LEU A 50 -10.01 -5.76 19.46
N ALA A 51 -9.08 -6.15 18.60
CA ALA A 51 -7.73 -5.57 18.63
C ALA A 51 -7.71 -4.18 17.99
N ALA A 52 -8.79 -3.83 17.31
CA ALA A 52 -8.90 -2.53 16.66
C ALA A 52 -9.67 -1.54 17.52
N THR A 53 -9.10 -0.35 17.69
CA THR A 53 -9.74 0.69 18.50
C THR A 53 -9.11 2.06 18.21
N LYS A 54 -7.92 2.05 17.62
CA LYS A 54 -7.22 3.28 17.30
C LYS A 54 -7.49 3.72 15.86
N LEU A 55 -8.21 2.88 15.12
CA LEU A 55 -8.55 3.18 13.74
C LEU A 55 -9.54 4.34 13.66
N ASP A 56 -10.16 4.65 14.78
CA ASP A 56 -11.13 5.74 14.85
C ASP A 56 -10.44 7.09 14.68
N LYS A 57 -11.07 7.99 13.92
CA LYS A 57 -10.52 9.31 13.68
C LYS A 57 -10.69 10.20 14.91
N GLU A 58 -11.46 9.72 15.88
CA GLU A 58 -11.71 10.48 17.10
C GLU A 58 -10.69 10.11 18.19
N SER A 59 -9.46 10.60 18.02
CA SER A 59 -8.40 10.32 18.98
C SER A 59 -7.41 11.47 19.04
N PHE A 60 -7.83 12.63 18.56
CA PHE A 60 -6.98 13.83 18.56
C PHE A 60 -7.73 15.02 19.13
N LEU A 61 -7.25 15.53 20.26
CA LEU A 61 -7.89 16.67 20.91
C LEU A 61 -6.84 17.69 21.37
N THR A 62 -5.63 17.21 21.62
CA THR A 62 -4.54 18.08 22.07
C THR A 62 -4.13 19.04 20.96
N TRP A 63 -4.20 20.34 21.25
CA TRP A 63 -3.84 21.36 20.29
C TRP A 63 -2.34 21.31 19.99
N LEU A 64 -1.99 20.60 18.92
CA LEU A 64 -0.59 20.47 18.52
C LEU A 64 0.01 21.83 18.14
N HIS A 6 35.89 9.31 3.29
CA HIS A 6 36.22 8.53 2.07
C HIS A 6 35.00 7.78 1.55
N HIS A 7 33.83 8.12 2.10
CA HIS A 7 32.59 7.47 1.69
C HIS A 7 31.40 8.40 1.90
N GLY A 8 30.55 8.50 0.88
CA GLY A 8 29.38 9.37 0.97
C GLY A 8 29.00 9.95 -0.38
N SER A 9 29.91 9.87 -1.34
CA SER A 9 29.65 10.40 -2.68
C SER A 9 28.57 9.59 -3.39
N GLY A 10 27.38 10.18 -3.48
CA GLY A 10 26.27 9.51 -4.13
C GLY A 10 25.02 10.37 -4.20
N THR A 11 24.24 10.18 -5.26
CA THR A 11 23.01 10.94 -5.46
C THR A 11 21.82 10.02 -5.66
N ASN A 12 20.62 10.52 -5.38
CA ASN A 12 19.40 9.74 -5.52
C ASN A 12 19.47 8.45 -4.71
N VAL A 13 19.01 8.51 -3.47
CA VAL A 13 19.02 7.36 -2.57
C VAL A 13 17.86 6.41 -2.88
N ASP A 14 16.66 6.86 -2.54
CA ASP A 14 15.46 6.06 -2.76
C ASP A 14 15.07 6.06 -4.24
N LEU A 15 14.42 4.98 -4.68
CA LEU A 15 13.99 4.86 -6.06
C LEU A 15 12.86 3.84 -6.18
N GLY A 16 13.12 2.61 -5.75
CA GLY A 16 12.12 1.57 -5.81
C GLY A 16 12.50 0.35 -4.98
N THR A 17 12.11 0.37 -3.71
CA THR A 17 12.40 -0.73 -2.80
C THR A 17 11.16 -1.58 -2.54
N LEU A 18 9.99 -0.94 -2.55
CA LEU A 18 8.74 -1.64 -2.32
C LEU A 18 8.42 -2.59 -3.47
N GLU A 19 8.48 -3.89 -3.20
CA GLU A 19 8.18 -4.89 -4.21
C GLU A 19 6.68 -4.97 -4.48
N GLY A 20 6.26 -4.36 -5.59
CA GLY A 20 4.85 -4.38 -5.95
C GLY A 20 4.58 -3.69 -7.26
N ASP A 21 5.00 -4.31 -8.36
CA ASP A 21 4.80 -3.75 -9.70
C ASP A 21 3.46 -4.20 -10.27
N GLY A 22 2.80 -3.30 -10.99
CA GLY A 22 1.52 -3.62 -11.59
C GLY A 22 0.36 -3.33 -10.67
N MET A 23 -0.85 -3.44 -11.20
CA MET A 23 -2.06 -3.19 -10.41
C MET A 23 -2.04 -1.80 -9.79
N ASN A 24 -2.42 -0.80 -10.58
CA ASN A 24 -2.44 0.58 -10.11
C ASN A 24 -3.83 0.98 -9.61
N ILE A 25 -4.86 0.46 -10.27
CA ILE A 25 -6.23 0.76 -9.88
C ILE A 25 -7.08 -0.51 -9.80
N GLU A 26 -6.41 -1.64 -9.54
CA GLU A 26 -7.10 -2.92 -9.42
C GLU A 26 -7.87 -3.23 -10.70
N GLY A 27 -7.41 -2.69 -11.82
CA GLY A 27 -8.07 -2.92 -13.09
C GLY A 27 -7.14 -3.52 -14.12
N GLU A 28 -7.73 -4.15 -15.14
CA GLU A 28 -6.95 -4.76 -16.22
C GLU A 28 -6.93 -3.87 -17.44
N GLU A 29 -8.11 -3.55 -17.97
CA GLU A 29 -8.22 -2.70 -19.15
C GLU A 29 -8.07 -1.23 -18.78
N LEU A 30 -7.47 -0.46 -19.67
CA LEU A 30 -7.26 0.96 -19.44
C LEU A 30 -8.46 1.78 -19.93
N MET A 31 -9.31 1.12 -20.73
CA MET A 31 -10.50 1.78 -21.28
C MET A 31 -11.54 2.00 -20.17
N PRO A 32 -12.29 3.12 -20.24
CA PRO A 32 -13.32 3.44 -19.26
C PRO A 32 -14.55 2.56 -19.41
N SER A 33 -14.63 1.50 -18.61
CA SER A 33 -15.76 0.58 -18.66
C SER A 33 -16.03 -0.03 -17.29
N LEU A 34 -15.01 0.01 -16.42
CA LEU A 34 -15.13 -0.54 -15.07
C LEU A 34 -15.96 0.40 -14.19
N GLN A 35 -17.24 0.08 -14.06
CA GLN A 35 -18.14 0.88 -13.23
C GLN A 35 -18.35 0.25 -11.86
N GLU A 36 -18.21 1.06 -10.81
CA GLU A 36 -18.37 0.58 -9.45
C GLU A 36 -19.06 1.63 -8.59
N ALA A 37 -19.52 1.21 -7.41
CA ALA A 37 -20.19 2.12 -6.48
C ALA A 37 -19.92 1.73 -5.04
N LEU A 38 -19.47 0.51 -4.83
CA LEU A 38 -19.16 0.01 -3.50
C LEU A 38 -18.07 -1.05 -3.55
N SER A 39 -17.03 -0.87 -2.74
CA SER A 39 -15.92 -1.82 -2.70
C SER A 39 -15.46 -2.06 -1.26
N SER A 40 -15.59 -3.31 -0.82
CA SER A 40 -15.19 -3.69 0.54
C SER A 40 -15.97 -2.91 1.58
N ASP A 41 -17.05 -3.51 2.09
CA ASP A 41 -17.88 -2.87 3.09
C ASP A 41 -17.61 -3.44 4.48
N ILE A 42 -16.46 -4.11 4.63
CA ILE A 42 -16.09 -4.70 5.91
C ILE A 42 -14.73 -4.16 6.37
N LEU A 43 -13.68 -4.49 5.62
CA LEU A 43 -12.33 -4.04 5.95
C LEU A 43 -11.91 -4.50 7.34
N ASN A 44 -11.30 -5.69 7.41
CA ASN A 44 -10.85 -6.25 8.68
C ASN A 44 -9.33 -6.22 8.76
N ASP A 45 -8.73 -5.19 8.16
CA ASP A 45 -7.28 -5.04 8.17
C ASP A 45 -6.78 -4.53 9.51
N MET A 46 -7.69 -4.09 10.37
CA MET A 46 -7.32 -3.61 11.68
C MET A 46 -6.91 -4.77 12.58
N GLU A 47 -7.75 -5.80 12.62
CA GLU A 47 -7.46 -6.98 13.42
C GLU A 47 -6.10 -7.52 13.04
N SER A 48 -5.72 -7.29 11.78
CA SER A 48 -4.44 -7.72 11.26
C SER A 48 -3.40 -6.63 11.49
N VAL A 49 -3.85 -5.38 11.53
CA VAL A 49 -2.95 -4.25 11.76
C VAL A 49 -2.30 -4.34 13.14
N LEU A 50 -3.07 -4.83 14.11
CA LEU A 50 -2.58 -4.96 15.48
C LEU A 50 -1.46 -5.98 15.55
N ALA A 51 -1.41 -6.89 14.58
CA ALA A 51 -0.38 -7.92 14.53
C ALA A 51 0.72 -7.54 13.55
N ALA A 52 0.44 -6.57 12.69
CA ALA A 52 1.41 -6.11 11.71
C ALA A 52 2.35 -5.08 12.31
N THR A 53 3.65 -5.24 12.06
CA THR A 53 4.66 -4.34 12.58
C THR A 53 4.55 -2.97 11.92
N LYS A 54 4.72 -1.91 12.72
CA LYS A 54 4.64 -0.55 12.22
C LYS A 54 5.17 0.44 13.25
N LEU A 55 4.54 0.48 14.42
CA LEU A 55 4.94 1.38 15.49
C LEU A 55 4.92 2.83 15.03
N ASP A 56 3.80 3.51 15.27
CA ASP A 56 3.64 4.90 14.86
C ASP A 56 4.07 5.84 15.99
N LYS A 57 4.99 5.39 16.83
CA LYS A 57 5.48 6.19 17.94
C LYS A 57 6.80 6.86 17.58
N GLU A 58 7.16 7.89 18.34
CA GLU A 58 8.40 8.63 18.12
C GLU A 58 8.48 9.13 16.68
N SER A 59 7.75 10.19 16.38
CA SER A 59 7.74 10.77 15.04
C SER A 59 7.66 12.29 15.12
N PHE A 60 8.83 12.94 15.16
CA PHE A 60 8.89 14.39 15.22
C PHE A 60 8.99 14.99 13.82
N LEU A 61 8.04 15.87 13.49
CA LEU A 61 8.02 16.52 12.18
C LEU A 61 8.00 15.48 11.06
N THR A 62 7.26 14.40 11.27
CA THR A 62 7.15 13.34 10.27
C THR A 62 5.72 12.80 10.21
N TRP A 63 5.16 12.77 9.01
CA TRP A 63 3.80 12.28 8.81
C TRP A 63 3.79 11.15 7.78
N LEU A 64 4.96 10.80 7.27
CA LEU A 64 5.09 9.74 6.27
C LEU A 64 4.26 10.05 5.04
N HIS A 6 23.87 -0.68 8.01
CA HIS A 6 22.97 0.46 8.30
C HIS A 6 23.15 1.58 7.28
N HIS A 7 23.63 1.21 6.10
CA HIS A 7 23.86 2.19 5.04
C HIS A 7 22.60 2.36 4.18
N GLY A 8 21.98 3.53 4.29
CA GLY A 8 20.78 3.80 3.53
C GLY A 8 19.64 4.31 4.40
N SER A 9 18.63 3.47 4.61
CA SER A 9 17.49 3.83 5.44
C SER A 9 16.81 5.10 4.91
N GLY A 10 16.16 4.96 3.76
CA GLY A 10 15.47 6.10 3.16
C GLY A 10 15.50 6.05 1.64
N THR A 11 15.00 7.11 1.01
CA THR A 11 14.97 7.20 -0.44
C THR A 11 15.51 8.54 -0.93
N ASN A 12 16.82 8.61 -1.16
CA ASN A 12 17.45 9.83 -1.62
C ASN A 12 17.05 10.13 -3.06
N VAL A 13 16.89 9.09 -3.86
CA VAL A 13 16.50 9.24 -5.27
C VAL A 13 14.98 9.16 -5.42
N ASP A 14 14.37 10.26 -5.82
CA ASP A 14 12.93 10.31 -6.02
C ASP A 14 12.58 10.89 -7.38
N LEU A 15 13.60 11.02 -8.24
CA LEU A 15 13.39 11.55 -9.58
C LEU A 15 12.95 10.44 -10.53
N GLY A 16 11.67 10.07 -10.44
CA GLY A 16 11.13 9.02 -11.28
C GLY A 16 9.97 8.31 -10.64
N THR A 17 9.51 7.23 -11.26
CA THR A 17 8.39 6.46 -10.75
C THR A 17 8.72 4.97 -10.69
N LEU A 18 8.36 4.33 -9.58
CA LEU A 18 8.62 2.91 -9.41
C LEU A 18 7.46 2.22 -8.68
N GLU A 19 6.39 2.97 -8.45
CA GLU A 19 5.22 2.44 -7.77
C GLU A 19 3.99 2.47 -8.67
N GLY A 20 4.03 3.35 -9.68
CA GLY A 20 2.91 3.47 -10.60
C GLY A 20 2.78 2.26 -11.49
N ASP A 21 3.92 1.71 -11.92
CA ASP A 21 3.92 0.54 -12.79
C ASP A 21 4.82 -0.56 -12.23
N GLY A 22 4.35 -1.79 -12.31
CA GLY A 22 5.12 -2.92 -11.81
C GLY A 22 4.41 -4.24 -12.00
N MET A 23 3.41 -4.50 -11.17
CA MET A 23 2.64 -5.73 -11.25
C MET A 23 1.20 -5.45 -11.63
N ASN A 24 0.70 -6.17 -12.63
CA ASN A 24 -0.67 -6.00 -13.09
C ASN A 24 -1.47 -7.28 -12.88
N ILE A 25 -0.82 -8.42 -13.14
CA ILE A 25 -1.47 -9.71 -12.98
C ILE A 25 -1.39 -10.19 -11.53
N GLU A 26 -0.28 -9.83 -10.88
CA GLU A 26 -0.07 -10.22 -9.49
C GLU A 26 -0.97 -9.41 -8.56
N GLY A 27 -2.20 -9.87 -8.39
CA GLY A 27 -3.15 -9.19 -7.54
C GLY A 27 -3.78 -10.11 -6.51
N GLU A 28 -3.87 -9.64 -5.27
CA GLU A 28 -4.46 -10.43 -4.20
C GLU A 28 -5.96 -10.56 -4.39
N GLU A 29 -6.53 -9.70 -5.22
CA GLU A 29 -7.96 -9.72 -5.49
C GLU A 29 -8.29 -10.62 -6.67
N LEU A 30 -9.13 -11.62 -6.45
CA LEU A 30 -9.52 -12.55 -7.50
C LEU A 30 -10.65 -11.97 -8.34
N MET A 31 -11.27 -10.91 -7.83
CA MET A 31 -12.38 -10.25 -8.53
C MET A 31 -11.90 -9.67 -9.85
N PRO A 32 -12.50 -10.10 -10.98
CA PRO A 32 -12.12 -9.60 -12.31
C PRO A 32 -12.55 -8.15 -12.53
N SER A 33 -13.40 -7.65 -11.63
CA SER A 33 -13.89 -6.28 -11.73
C SER A 33 -12.79 -5.29 -11.38
N LEU A 34 -12.15 -4.74 -12.40
CA LEU A 34 -11.07 -3.77 -12.21
C LEU A 34 -11.58 -2.35 -12.40
N GLN A 35 -12.30 -1.84 -11.40
CA GLN A 35 -12.85 -0.50 -11.45
C GLN A 35 -12.43 0.31 -10.23
N GLU A 36 -11.87 1.50 -10.46
CA GLU A 36 -11.41 2.35 -9.38
C GLU A 36 -12.57 3.20 -8.85
N ALA A 37 -12.27 4.00 -7.83
CA ALA A 37 -13.29 4.87 -7.21
C ALA A 37 -12.64 6.03 -6.48
N LEU A 38 -12.96 7.25 -6.91
CA LEU A 38 -12.41 8.45 -6.29
C LEU A 38 -12.99 8.64 -4.88
N SER A 39 -12.19 9.24 -4.00
CA SER A 39 -12.60 9.48 -2.62
C SER A 39 -12.98 8.18 -1.93
N SER A 40 -12.23 7.13 -2.20
CA SER A 40 -12.48 5.83 -1.60
C SER A 40 -12.04 5.81 -0.14
N ASP A 41 -12.94 5.39 0.75
CA ASP A 41 -12.65 5.35 2.18
C ASP A 41 -12.22 6.71 2.70
N ILE A 42 -13.20 7.48 3.19
CA ILE A 42 -12.92 8.81 3.71
C ILE A 42 -12.75 8.79 5.23
N LEU A 43 -13.52 7.96 5.91
CA LEU A 43 -13.44 7.85 7.35
C LEU A 43 -12.16 7.17 7.78
N ASN A 44 -11.57 7.63 8.89
CA ASN A 44 -10.33 7.07 9.41
C ASN A 44 -9.24 7.08 8.34
N ASP A 45 -8.86 8.28 7.91
CA ASP A 45 -7.82 8.44 6.89
C ASP A 45 -6.45 8.55 7.53
N MET A 46 -6.42 8.72 8.84
CA MET A 46 -5.15 8.81 9.55
C MET A 46 -4.55 7.43 9.75
N GLU A 47 -5.36 6.51 10.24
CA GLU A 47 -4.91 5.14 10.44
C GLU A 47 -4.35 4.60 9.14
N SER A 48 -4.88 5.12 8.04
CA SER A 48 -4.45 4.74 6.71
C SER A 48 -3.29 5.62 6.24
N VAL A 49 -3.26 6.88 6.70
CA VAL A 49 -2.20 7.80 6.29
C VAL A 49 -0.86 7.38 6.89
N LEU A 50 -0.90 6.55 7.92
CA LEU A 50 0.30 6.08 8.60
C LEU A 50 0.88 4.87 7.87
N ALA A 51 0.05 4.23 7.04
CA ALA A 51 0.47 3.06 6.28
C ALA A 51 0.95 1.93 7.19
N ALA A 52 0.57 2.00 8.46
CA ALA A 52 0.95 0.99 9.44
C ALA A 52 -0.06 -0.14 9.47
N THR A 53 0.32 -1.27 8.87
CA THR A 53 -0.55 -2.44 8.83
C THR A 53 -0.31 -3.36 10.01
N LYS A 54 0.11 -2.77 11.14
CA LYS A 54 0.38 -3.53 12.35
C LYS A 54 1.44 -4.61 12.10
N LEU A 55 1.64 -5.47 13.09
CA LEU A 55 2.62 -6.55 12.98
C LEU A 55 2.41 -7.60 14.07
N ASP A 56 1.68 -8.66 13.72
CA ASP A 56 1.40 -9.73 14.67
C ASP A 56 2.42 -10.85 14.53
N LYS A 57 3.45 -10.81 15.37
CA LYS A 57 4.50 -11.83 15.35
C LYS A 57 4.16 -12.97 16.29
N GLU A 58 3.96 -12.64 17.56
CA GLU A 58 3.64 -13.64 18.57
C GLU A 58 2.28 -14.29 18.29
N SER A 59 2.33 -15.50 17.71
CA SER A 59 1.10 -16.23 17.39
C SER A 59 0.85 -17.34 18.39
N PHE A 60 -0.38 -17.43 18.87
CA PHE A 60 -0.75 -18.45 19.84
C PHE A 60 -1.18 -19.74 19.14
N LEU A 61 -1.23 -19.70 17.81
CA LEU A 61 -1.63 -20.85 17.01
C LEU A 61 -0.40 -21.65 16.56
N THR A 62 0.52 -21.88 17.49
CA THR A 62 1.74 -22.62 17.20
C THR A 62 1.54 -24.12 17.47
N TRP A 63 2.09 -24.95 16.58
CA TRP A 63 1.99 -26.40 16.73
C TRP A 63 3.35 -27.06 16.53
N LEU A 64 3.78 -27.81 17.54
CA LEU A 64 5.07 -28.51 17.48
C LEU A 64 4.94 -29.95 17.96
N HIS A 6 30.03 20.68 -15.31
CA HIS A 6 30.09 19.36 -14.64
C HIS A 6 30.04 19.52 -13.12
N HIS A 7 29.03 20.24 -12.64
CA HIS A 7 28.87 20.47 -11.21
C HIS A 7 27.87 19.47 -10.62
N GLY A 8 26.76 19.28 -11.30
CA GLY A 8 25.74 18.36 -10.83
C GLY A 8 24.91 17.77 -11.96
N SER A 9 23.90 16.99 -11.61
CA SER A 9 23.02 16.37 -12.60
C SER A 9 23.82 15.50 -13.58
N GLY A 10 24.05 14.25 -13.20
CA GLY A 10 24.80 13.34 -14.04
C GLY A 10 24.51 11.89 -13.72
N THR A 11 23.27 11.60 -13.35
CA THR A 11 22.86 10.24 -13.02
C THR A 11 22.03 9.63 -14.14
N ASN A 12 22.64 8.75 -14.91
CA ASN A 12 21.95 8.10 -16.03
C ASN A 12 22.26 6.61 -16.07
N VAL A 13 23.13 6.16 -15.17
CA VAL A 13 23.50 4.75 -15.12
C VAL A 13 23.28 4.17 -13.73
N ASP A 14 22.86 2.90 -13.69
CA ASP A 14 22.60 2.21 -12.43
C ASP A 14 21.62 3.01 -11.56
N LEU A 15 20.33 2.82 -11.82
CA LEU A 15 19.30 3.51 -11.06
C LEU A 15 18.64 2.58 -10.04
N GLY A 16 18.04 1.50 -10.55
CA GLY A 16 17.39 0.53 -9.68
C GLY A 16 17.64 -0.90 -10.11
N THR A 17 16.59 -1.57 -10.56
CA THR A 17 16.71 -2.96 -11.00
C THR A 17 16.01 -3.14 -12.36
N LEU A 18 14.80 -2.62 -12.47
CA LEU A 18 14.03 -2.72 -13.69
C LEU A 18 13.17 -1.48 -13.90
N GLU A 19 12.68 -0.92 -12.79
CA GLU A 19 11.83 0.28 -12.86
C GLU A 19 10.67 0.08 -13.82
N GLY A 20 9.61 -0.56 -13.34
CA GLY A 20 8.44 -0.81 -14.15
C GLY A 20 7.17 -0.86 -13.34
N ASP A 21 7.31 -1.13 -12.05
CA ASP A 21 6.17 -1.22 -11.15
C ASP A 21 6.39 -0.40 -9.89
N GLY A 22 5.42 0.45 -9.56
CA GLY A 22 5.53 1.28 -8.38
C GLY A 22 4.31 1.18 -7.48
N MET A 23 4.44 0.46 -6.38
CA MET A 23 3.35 0.29 -5.43
C MET A 23 3.37 1.38 -4.37
N ASN A 24 2.67 2.48 -4.62
CA ASN A 24 2.63 3.59 -3.68
C ASN A 24 1.19 3.95 -3.33
N ILE A 25 0.38 4.17 -4.35
CA ILE A 25 -1.02 4.53 -4.16
C ILE A 25 -1.95 3.46 -4.74
N GLU A 26 -1.45 2.72 -5.72
CA GLU A 26 -2.24 1.67 -6.35
C GLU A 26 -2.55 0.55 -5.37
N GLY A 27 -3.81 0.48 -4.95
CA GLY A 27 -4.22 -0.56 -4.02
C GLY A 27 -4.60 -1.84 -4.71
N GLU A 28 -3.77 -2.87 -4.55
CA GLU A 28 -4.02 -4.16 -5.18
C GLU A 28 -4.66 -5.13 -4.18
N GLU A 29 -5.57 -5.96 -4.68
CA GLU A 29 -6.25 -6.94 -3.84
C GLU A 29 -6.32 -8.30 -4.52
N LEU A 30 -6.11 -9.35 -3.75
CA LEU A 30 -6.14 -10.72 -4.27
C LEU A 30 -7.51 -11.36 -4.06
N MET A 31 -8.45 -10.57 -3.54
CA MET A 31 -9.79 -11.07 -3.28
C MET A 31 -10.65 -10.99 -4.54
N PRO A 32 -11.62 -11.92 -4.69
CA PRO A 32 -12.50 -11.96 -5.86
C PRO A 32 -13.58 -10.88 -5.81
N SER A 33 -13.30 -9.74 -6.43
CA SER A 33 -14.24 -8.63 -6.46
C SER A 33 -14.78 -8.41 -7.87
N LEU A 34 -16.11 -8.37 -7.99
CA LEU A 34 -16.75 -8.18 -9.29
C LEU A 34 -17.44 -6.82 -9.35
N GLN A 35 -17.34 -6.05 -8.26
CA GLN A 35 -17.95 -4.74 -8.19
C GLN A 35 -16.89 -3.64 -8.32
N GLU A 36 -17.09 -2.73 -9.26
CA GLU A 36 -16.16 -1.63 -9.48
C GLU A 36 -16.27 -0.59 -8.36
N ALA A 37 -15.33 -0.64 -7.43
CA ALA A 37 -15.32 0.29 -6.31
C ALA A 37 -14.89 1.68 -6.74
N LEU A 38 -15.86 2.54 -7.05
CA LEU A 38 -15.59 3.90 -7.48
C LEU A 38 -15.01 4.73 -6.34
N SER A 39 -13.94 5.46 -6.63
CA SER A 39 -13.28 6.30 -5.63
C SER A 39 -14.11 7.55 -5.35
N SER A 40 -14.89 7.52 -4.27
CA SER A 40 -15.73 8.65 -3.89
C SER A 40 -15.96 8.67 -2.38
N ASP A 41 -16.45 7.56 -1.84
CA ASP A 41 -16.72 7.45 -0.41
C ASP A 41 -15.41 7.37 0.39
N ILE A 42 -15.34 8.16 1.45
CA ILE A 42 -14.15 8.18 2.30
C ILE A 42 -14.32 7.26 3.51
N LEU A 43 -15.51 6.70 3.65
CA LEU A 43 -15.80 5.81 4.76
C LEU A 43 -15.44 4.36 4.41
N ASN A 44 -14.15 4.04 4.52
CA ASN A 44 -13.67 2.70 4.22
C ASN A 44 -12.71 2.22 5.30
N ASP A 45 -12.29 3.14 6.16
CA ASP A 45 -11.37 2.81 7.24
C ASP A 45 -12.11 2.25 8.43
N MET A 46 -13.44 2.37 8.43
CA MET A 46 -14.25 1.84 9.50
C MET A 46 -14.41 0.35 9.36
N GLU A 47 -14.75 -0.10 8.16
CA GLU A 47 -14.91 -1.53 7.90
C GLU A 47 -13.64 -2.25 8.32
N SER A 48 -12.52 -1.54 8.19
CA SER A 48 -11.23 -2.07 8.57
C SER A 48 -10.92 -1.76 10.03
N VAL A 49 -11.49 -0.67 10.55
CA VAL A 49 -11.25 -0.29 11.94
C VAL A 49 -11.80 -1.34 12.90
N LEU A 50 -12.72 -2.16 12.41
CA LEU A 50 -13.33 -3.21 13.23
C LEU A 50 -12.30 -4.25 13.64
N ALA A 51 -11.35 -4.52 12.74
CA ALA A 51 -10.30 -5.50 13.01
C ALA A 51 -8.93 -4.83 13.03
N ALA A 52 -8.91 -3.55 13.36
CA ALA A 52 -7.66 -2.79 13.42
C ALA A 52 -7.09 -2.77 14.83
N THR A 53 -6.96 -3.95 15.43
CA THR A 53 -6.44 -4.08 16.79
C THR A 53 -5.09 -4.80 16.78
N LYS A 54 -4.74 -5.38 15.64
CA LYS A 54 -3.48 -6.10 15.51
C LYS A 54 -2.37 -5.18 15.02
N LEU A 55 -1.44 -4.84 15.91
CA LEU A 55 -0.33 -3.96 15.56
C LEU A 55 0.68 -4.69 14.67
N ASP A 56 1.51 -3.92 13.98
CA ASP A 56 2.51 -4.49 13.09
C ASP A 56 3.89 -3.90 13.36
N LYS A 57 4.21 -3.70 14.64
CA LYS A 57 5.50 -3.15 15.03
C LYS A 57 6.08 -3.91 16.21
N GLU A 58 7.40 -4.00 16.26
CA GLU A 58 8.08 -4.71 17.36
C GLU A 58 9.32 -3.95 17.82
N SER A 59 9.41 -3.73 19.13
CA SER A 59 10.53 -3.01 19.71
C SER A 59 10.90 -3.60 21.07
N PHE A 60 9.99 -4.40 21.62
CA PHE A 60 10.21 -5.02 22.92
C PHE A 60 11.40 -5.98 22.87
N LEU A 61 12.55 -5.51 23.38
CA LEU A 61 13.77 -6.32 23.40
C LEU A 61 14.17 -6.72 21.98
N THR A 62 15.10 -5.95 21.40
CA THR A 62 15.57 -6.22 20.05
C THR A 62 17.05 -6.60 20.04
N TRP A 63 17.41 -7.53 19.17
CA TRP A 63 18.79 -7.98 19.06
C TRP A 63 19.21 -8.10 17.59
N LEU A 64 18.40 -7.53 16.71
CA LEU A 64 18.69 -7.58 15.28
C LEU A 64 19.10 -6.22 14.75
N HIS A 6 17.64 -13.15 -1.25
CA HIS A 6 17.86 -11.74 -1.69
C HIS A 6 16.83 -11.34 -2.74
N HIS A 7 16.40 -12.31 -3.56
CA HIS A 7 15.41 -12.05 -4.59
C HIS A 7 14.09 -11.56 -3.99
N GLY A 8 13.67 -10.36 -4.40
CA GLY A 8 12.43 -9.80 -3.90
C GLY A 8 11.85 -8.75 -4.82
N SER A 9 11.81 -9.05 -6.12
CA SER A 9 11.26 -8.12 -7.11
C SER A 9 12.02 -6.80 -7.10
N GLY A 10 13.31 -6.86 -6.76
CA GLY A 10 14.12 -5.67 -6.72
C GLY A 10 15.49 -5.87 -7.35
N THR A 11 15.62 -5.49 -8.63
CA THR A 11 16.88 -5.64 -9.35
C THR A 11 17.34 -4.30 -9.93
N ASN A 12 16.38 -3.52 -10.42
CA ASN A 12 16.68 -2.21 -11.01
C ASN A 12 15.92 -1.10 -10.28
N VAL A 13 16.66 -0.24 -9.59
CA VAL A 13 16.04 0.86 -8.86
C VAL A 13 16.86 2.15 -8.99
N ASP A 14 16.25 3.27 -8.63
CA ASP A 14 16.91 4.57 -8.70
C ASP A 14 16.20 5.57 -7.80
N LEU A 15 16.22 5.30 -6.50
CA LEU A 15 15.58 6.18 -5.51
C LEU A 15 14.10 6.34 -5.80
N GLY A 16 13.29 5.47 -5.19
CA GLY A 16 11.84 5.52 -5.40
C GLY A 16 11.42 4.96 -6.74
N THR A 17 10.26 4.32 -6.77
CA THR A 17 9.73 3.73 -7.99
C THR A 17 8.21 3.85 -8.06
N LEU A 18 7.74 4.88 -8.76
CA LEU A 18 6.31 5.11 -8.90
C LEU A 18 5.89 5.09 -10.37
N GLU A 19 4.71 4.54 -10.63
CA GLU A 19 4.20 4.46 -12.00
C GLU A 19 2.69 4.65 -12.04
N GLY A 20 2.23 5.41 -13.03
CA GLY A 20 0.80 5.66 -13.16
C GLY A 20 0.40 6.01 -14.58
N ASP A 21 0.07 4.99 -15.36
CA ASP A 21 -0.33 5.17 -16.76
C ASP A 21 -1.78 5.64 -16.85
N GLY A 22 -2.05 6.47 -17.85
CA GLY A 22 -3.41 6.98 -18.04
C GLY A 22 -4.01 6.53 -19.36
N MET A 23 -5.32 6.63 -19.48
CA MET A 23 -6.01 6.22 -20.69
C MET A 23 -6.76 7.41 -21.31
N ASN A 24 -6.04 8.22 -22.07
CA ASN A 24 -6.63 9.39 -22.72
C ASN A 24 -5.84 9.76 -23.97
N ILE A 25 -4.69 9.14 -24.16
CA ILE A 25 -3.85 9.40 -25.32
C ILE A 25 -3.99 8.29 -26.35
N GLU A 26 -4.66 7.21 -25.97
CA GLU A 26 -4.88 6.07 -26.85
C GLU A 26 -3.56 5.46 -27.29
N GLY A 27 -3.61 4.56 -28.27
CA GLY A 27 -2.42 3.91 -28.77
C GLY A 27 -2.70 2.56 -29.39
N GLU A 28 -1.83 2.14 -30.31
CA GLU A 28 -2.00 0.86 -31.00
C GLU A 28 -1.53 -0.30 -30.12
N GLU A 29 -1.11 0.02 -28.90
CA GLU A 29 -0.64 -0.98 -27.96
C GLU A 29 -1.77 -1.91 -27.54
N LEU A 30 -1.41 -3.06 -26.96
CA LEU A 30 -2.40 -4.02 -26.50
C LEU A 30 -2.02 -4.58 -25.13
N MET A 31 -1.26 -3.80 -24.36
CA MET A 31 -0.83 -4.21 -23.04
C MET A 31 -2.01 -4.28 -22.06
N PRO A 32 -1.98 -5.22 -21.10
CA PRO A 32 -3.06 -5.36 -20.12
C PRO A 32 -3.04 -4.27 -19.06
N SER A 33 -3.79 -3.21 -19.30
CA SER A 33 -3.86 -2.09 -18.36
C SER A 33 -5.06 -2.24 -17.43
N LEU A 34 -4.93 -3.11 -16.44
CA LEU A 34 -6.00 -3.36 -15.48
C LEU A 34 -5.43 -3.64 -14.09
N GLN A 35 -5.92 -2.92 -13.09
CA GLN A 35 -5.47 -3.09 -11.72
C GLN A 35 -6.08 -4.33 -11.09
N GLU A 36 -5.61 -4.66 -9.89
CA GLU A 36 -6.11 -5.83 -9.16
C GLU A 36 -5.88 -5.69 -7.66
N ALA A 37 -6.84 -6.17 -6.87
CA ALA A 37 -6.75 -6.09 -5.42
C ALA A 37 -6.57 -4.65 -4.95
N LEU A 38 -7.67 -3.91 -4.91
CA LEU A 38 -7.63 -2.52 -4.48
C LEU A 38 -7.52 -2.43 -2.96
N SER A 39 -6.64 -1.54 -2.49
CA SER A 39 -6.42 -1.35 -1.05
C SER A 39 -6.00 -2.65 -0.39
N SER A 40 -4.70 -2.94 -0.42
CA SER A 40 -4.16 -4.15 0.18
C SER A 40 -3.85 -3.93 1.66
N ASP A 41 -3.18 -4.90 2.27
CA ASP A 41 -2.80 -4.83 3.67
C ASP A 41 -4.05 -4.71 4.55
N ILE A 42 -4.51 -5.84 5.08
CA ILE A 42 -5.69 -5.88 5.93
C ILE A 42 -5.30 -5.95 7.40
N LEU A 43 -4.09 -6.44 7.67
CA LEU A 43 -3.60 -6.56 9.03
C LEU A 43 -3.26 -5.20 9.63
N ASN A 44 -4.28 -4.50 10.12
CA ASN A 44 -4.08 -3.18 10.73
C ASN A 44 -4.31 -3.24 12.24
N ASP A 45 -3.35 -3.83 12.95
CA ASP A 45 -3.44 -3.94 14.40
C ASP A 45 -2.92 -2.69 15.09
N MET A 46 -1.71 -2.27 14.72
CA MET A 46 -1.15 -1.07 15.32
C MET A 46 -2.07 0.12 15.16
N GLU A 47 -2.60 0.29 13.95
CA GLU A 47 -3.53 1.38 13.67
C GLU A 47 -4.67 1.33 14.68
N SER A 48 -4.98 0.12 15.13
CA SER A 48 -6.02 -0.10 16.11
C SER A 48 -5.45 -0.02 17.53
N VAL A 49 -4.17 -0.38 17.67
CA VAL A 49 -3.50 -0.35 18.97
C VAL A 49 -3.50 1.07 19.54
N LEU A 50 -3.25 2.04 18.68
CA LEU A 50 -3.23 3.44 19.10
C LEU A 50 -4.64 3.98 19.25
N ALA A 51 -5.61 3.30 18.64
CA ALA A 51 -7.01 3.71 18.71
C ALA A 51 -7.66 3.19 19.98
N ALA A 52 -7.05 2.17 20.58
CA ALA A 52 -7.58 1.58 21.81
C ALA A 52 -6.83 2.10 23.03
N THR A 53 -7.25 1.66 24.21
CA THR A 53 -6.63 2.08 25.46
C THR A 53 -6.98 1.13 26.59
N LYS A 54 -7.89 0.20 26.32
CA LYS A 54 -8.32 -0.77 27.32
C LYS A 54 -7.17 -1.71 27.71
N LEU A 55 -6.20 -1.83 26.82
CA LEU A 55 -5.05 -2.70 27.05
C LEU A 55 -3.74 -1.94 26.86
N ASP A 56 -3.14 -1.50 27.96
CA ASP A 56 -1.88 -0.76 27.91
C ASP A 56 -0.95 -1.19 29.03
N LYS A 57 -1.30 -0.82 30.26
CA LYS A 57 -0.48 -1.16 31.43
C LYS A 57 -1.33 -1.20 32.69
N GLU A 58 -2.32 -0.32 32.76
CA GLU A 58 -3.20 -0.24 33.92
C GLU A 58 -4.64 -0.60 33.54
N SER A 59 -5.53 -0.57 34.52
CA SER A 59 -6.94 -0.90 34.31
C SER A 59 -7.09 -2.32 33.77
N PHE A 60 -6.98 -3.30 34.66
CA PHE A 60 -7.10 -4.71 34.28
C PHE A 60 -7.16 -5.59 35.51
N LEU A 61 -8.37 -5.86 36.00
CA LEU A 61 -8.55 -6.70 37.18
C LEU A 61 -9.12 -8.07 36.79
N THR A 62 -10.42 -8.12 36.55
CA THR A 62 -11.09 -9.35 36.16
C THR A 62 -12.17 -9.09 35.11
N TRP A 63 -12.60 -7.84 35.01
CA TRP A 63 -13.62 -7.45 34.06
C TRP A 63 -13.00 -7.13 32.70
N LEU A 64 -13.55 -7.71 31.65
CA LEU A 64 -13.06 -7.48 30.29
C LEU A 64 -13.42 -6.09 29.81
N HIS A 6 29.19 11.03 -37.98
CA HIS A 6 29.85 12.18 -37.31
C HIS A 6 29.58 12.16 -35.81
N HIS A 7 30.64 12.33 -35.02
CA HIS A 7 30.52 12.34 -33.56
C HIS A 7 29.87 11.05 -33.07
N GLY A 8 30.69 10.03 -32.84
CA GLY A 8 30.19 8.75 -32.37
C GLY A 8 31.28 7.87 -31.81
N SER A 9 30.94 7.08 -30.80
CA SER A 9 31.91 6.18 -30.17
C SER A 9 31.48 4.72 -30.34
N GLY A 10 30.56 4.48 -31.26
CA GLY A 10 30.10 3.13 -31.52
C GLY A 10 28.96 2.73 -30.59
N THR A 11 29.27 2.60 -29.30
CA THR A 11 28.28 2.23 -28.30
C THR A 11 28.07 3.35 -27.30
N ASN A 12 26.80 3.62 -26.98
CA ASN A 12 26.47 4.68 -26.02
C ASN A 12 26.15 4.09 -24.65
N VAL A 13 26.64 4.75 -23.61
CA VAL A 13 26.40 4.28 -22.24
C VAL A 13 25.11 4.86 -21.68
N ASP A 14 24.11 3.99 -21.50
CA ASP A 14 22.82 4.41 -20.98
C ASP A 14 22.72 4.11 -19.48
N LEU A 15 22.04 4.98 -18.75
CA LEU A 15 21.87 4.80 -17.31
C LEU A 15 20.45 4.35 -16.98
N GLY A 16 19.78 3.75 -17.96
CA GLY A 16 18.43 3.29 -17.74
C GLY A 16 17.65 3.13 -19.04
N THR A 17 17.21 1.90 -19.32
CA THR A 17 16.45 1.62 -20.53
C THR A 17 15.57 0.39 -20.34
N LEU A 18 16.14 -0.66 -19.77
CA LEU A 18 15.40 -1.90 -19.53
C LEU A 18 14.50 -1.77 -18.30
N GLU A 19 13.25 -2.21 -18.45
CA GLU A 19 12.29 -2.16 -17.36
C GLU A 19 12.14 -0.73 -16.83
N GLY A 20 11.87 0.20 -17.74
CA GLY A 20 11.71 1.59 -17.35
C GLY A 20 11.96 2.55 -18.50
N ASP A 21 10.94 3.33 -18.85
CA ASP A 21 11.05 4.30 -19.93
C ASP A 21 10.63 5.68 -19.47
N GLY A 22 9.88 5.72 -18.36
CA GLY A 22 9.42 7.00 -17.83
C GLY A 22 8.36 6.80 -16.75
N MET A 23 7.17 7.37 -16.99
CA MET A 23 6.07 7.26 -16.05
C MET A 23 6.45 7.81 -14.68
N ASN A 24 6.08 9.06 -14.42
CA ASN A 24 6.38 9.70 -13.15
C ASN A 24 5.16 9.74 -12.23
N ILE A 25 4.06 10.26 -12.75
CA ILE A 25 2.82 10.36 -11.97
C ILE A 25 1.67 9.64 -12.68
N GLU A 26 1.99 8.91 -13.74
CA GLU A 26 0.98 8.19 -14.50
C GLU A 26 0.95 6.72 -14.10
N GLY A 27 -0.25 6.16 -13.97
CA GLY A 27 -0.40 4.77 -13.61
C GLY A 27 -1.19 3.98 -14.64
N GLU A 28 -2.44 3.67 -14.32
CA GLU A 28 -3.30 2.92 -15.23
C GLU A 28 -2.65 1.60 -15.63
N GLU A 29 -2.81 0.58 -14.79
CA GLU A 29 -2.24 -0.73 -15.05
C GLU A 29 -3.13 -1.53 -16.00
N LEU A 30 -2.52 -2.40 -16.80
CA LEU A 30 -3.25 -3.21 -17.75
C LEU A 30 -3.19 -4.69 -17.37
N MET A 31 -2.79 -4.95 -16.12
CA MET A 31 -2.67 -6.32 -15.63
C MET A 31 -4.06 -6.98 -15.55
N PRO A 32 -4.19 -8.21 -16.05
CA PRO A 32 -5.47 -8.94 -16.03
C PRO A 32 -5.81 -9.45 -14.64
N SER A 33 -7.08 -9.79 -14.44
CA SER A 33 -7.55 -10.29 -13.16
C SER A 33 -7.31 -9.28 -12.04
N LEU A 34 -7.54 -9.70 -10.81
CA LEU A 34 -7.34 -8.84 -9.64
C LEU A 34 -8.17 -7.56 -9.77
N GLN A 35 -9.49 -7.69 -9.62
CA GLN A 35 -10.38 -6.54 -9.71
C GLN A 35 -10.42 -5.77 -8.40
N GLU A 36 -10.57 -4.45 -8.49
CA GLU A 36 -10.62 -3.60 -7.31
C GLU A 36 -12.01 -2.99 -7.14
N ALA A 37 -12.66 -3.31 -6.03
CA ALA A 37 -13.99 -2.79 -5.75
C ALA A 37 -14.27 -2.75 -4.25
N LEU A 38 -13.72 -3.71 -3.52
CA LEU A 38 -13.90 -3.77 -2.07
C LEU A 38 -12.84 -2.93 -1.35
N SER A 39 -13.27 -1.81 -0.79
CA SER A 39 -12.36 -0.92 -0.07
C SER A 39 -13.10 -0.14 1.01
N SER A 40 -14.38 0.13 0.78
CA SER A 40 -15.19 0.87 1.73
C SER A 40 -15.76 -0.07 2.79
N ASP A 41 -15.03 -0.21 3.89
CA ASP A 41 -15.46 -1.07 5.00
C ASP A 41 -15.91 -0.25 6.20
N ILE A 42 -17.00 -0.66 6.82
CA ILE A 42 -17.53 0.04 7.98
C ILE A 42 -17.02 -0.58 9.27
N LEU A 43 -16.11 -1.55 9.14
CA LEU A 43 -15.53 -2.22 10.29
C LEU A 43 -14.37 -1.41 10.88
N ASN A 44 -14.70 -0.30 11.51
CA ASN A 44 -13.70 0.58 12.12
C ASN A 44 -13.79 0.53 13.64
N ASP A 45 -14.99 0.23 14.15
CA ASP A 45 -15.21 0.15 15.59
C ASP A 45 -14.30 -0.87 16.23
N MET A 46 -14.28 -2.08 15.70
CA MET A 46 -13.44 -3.12 16.26
C MET A 46 -12.00 -2.65 16.36
N GLU A 47 -11.52 -1.98 15.32
CA GLU A 47 -10.16 -1.46 15.32
C GLU A 47 -9.92 -0.64 16.57
N SER A 48 -10.98 0.05 17.01
CA SER A 48 -10.92 0.87 18.21
C SER A 48 -11.28 0.04 19.43
N VAL A 49 -12.11 -0.99 19.24
CA VAL A 49 -12.51 -1.86 20.35
C VAL A 49 -11.31 -2.57 20.96
N LEU A 50 -10.42 -3.06 20.10
CA LEU A 50 -9.23 -3.76 20.56
C LEU A 50 -8.23 -2.80 21.21
N ALA A 51 -8.32 -1.52 20.83
CA ALA A 51 -7.44 -0.50 21.38
C ALA A 51 -7.89 -0.08 22.78
N ALA A 52 -9.16 -0.34 23.08
CA ALA A 52 -9.71 0.00 24.38
C ALA A 52 -9.87 -1.23 25.26
N THR A 53 -9.93 -1.02 26.57
CA THR A 53 -10.08 -2.12 27.51
C THR A 53 -11.42 -2.04 28.23
N LYS A 54 -12.46 -2.57 27.58
CA LYS A 54 -13.80 -2.56 28.15
C LYS A 54 -14.18 -3.95 28.66
N LEU A 55 -15.15 -3.99 29.58
CA LEU A 55 -15.61 -5.24 30.15
C LEU A 55 -14.45 -6.00 30.79
N ASP A 56 -14.03 -5.55 31.98
CA ASP A 56 -12.93 -6.18 32.69
C ASP A 56 -13.45 -7.16 33.75
N LYS A 57 -13.60 -8.42 33.36
CA LYS A 57 -14.09 -9.45 34.27
C LYS A 57 -12.97 -10.42 34.64
N GLU A 58 -11.85 -10.31 33.93
CA GLU A 58 -10.70 -11.18 34.19
C GLU A 58 -9.68 -10.48 35.08
N SER A 59 -8.96 -11.25 35.86
CA SER A 59 -7.94 -10.72 36.77
C SER A 59 -8.56 -9.77 37.79
N PHE A 60 -7.74 -9.31 38.73
CA PHE A 60 -8.21 -8.39 39.76
C PHE A 60 -7.34 -7.14 39.83
N LEU A 61 -7.71 -6.13 39.05
CA LEU A 61 -6.97 -4.88 39.01
C LEU A 61 -7.54 -3.87 40.00
N THR A 62 -6.92 -3.78 41.17
CA THR A 62 -7.37 -2.85 42.20
C THR A 62 -6.20 -2.32 43.01
N TRP A 63 -6.31 -1.05 43.41
CA TRP A 63 -5.25 -0.41 44.20
C TRP A 63 -5.83 0.28 45.42
N LEU A 64 -7.13 0.18 45.59
CA LEU A 64 -7.81 0.80 46.73
C LEU A 64 -7.57 0.00 48.01
N HIS A 6 15.85 -4.20 10.27
CA HIS A 6 15.56 -5.38 11.13
C HIS A 6 14.08 -5.73 11.07
N HIS A 7 13.24 -4.83 11.56
CA HIS A 7 11.79 -5.05 11.57
C HIS A 7 11.10 -4.13 10.56
N GLY A 8 10.23 -4.71 9.75
CA GLY A 8 9.51 -3.94 8.75
C GLY A 8 10.20 -3.96 7.39
N SER A 9 10.97 -5.01 7.14
CA SER A 9 11.68 -5.15 5.88
C SER A 9 10.94 -6.10 4.93
N GLY A 10 10.23 -5.53 3.97
CA GLY A 10 9.48 -6.32 3.01
C GLY A 10 8.02 -5.93 2.95
N THR A 11 7.73 -4.67 3.23
CA THR A 11 6.36 -4.16 3.19
C THR A 11 6.10 -3.35 1.93
N ASN A 12 7.16 -2.75 1.38
CA ASN A 12 7.06 -1.95 0.17
C ASN A 12 8.33 -2.05 -0.66
N VAL A 13 8.30 -2.89 -1.68
CA VAL A 13 9.46 -3.08 -2.56
C VAL A 13 9.67 -1.87 -3.47
N ASP A 14 10.93 -1.53 -3.69
CA ASP A 14 11.29 -0.41 -4.54
C ASP A 14 11.78 -0.88 -5.90
N LEU A 15 11.09 -0.48 -6.96
CA LEU A 15 11.46 -0.89 -8.31
C LEU A 15 12.01 0.29 -9.10
N GLY A 16 12.23 1.42 -8.42
CA GLY A 16 12.75 2.60 -9.07
C GLY A 16 11.85 3.80 -8.94
N THR A 17 10.92 3.95 -9.88
CA THR A 17 9.98 5.07 -9.87
C THR A 17 8.56 4.58 -10.12
N LEU A 18 7.61 5.16 -9.40
CA LEU A 18 6.21 4.80 -9.54
C LEU A 18 5.30 5.99 -9.26
N GLU A 19 5.82 7.19 -9.51
CA GLU A 19 5.06 8.42 -9.28
C GLU A 19 4.27 8.81 -10.52
N GLY A 20 4.90 8.72 -11.69
CA GLY A 20 4.23 9.07 -12.92
C GLY A 20 5.06 8.73 -14.16
N ASP A 21 5.96 7.76 -14.00
CA ASP A 21 6.81 7.33 -15.12
C ASP A 21 6.41 5.94 -15.61
N GLY A 22 5.75 5.89 -16.76
CA GLY A 22 5.33 4.61 -17.32
C GLY A 22 3.99 4.73 -18.03
N MET A 23 2.91 4.53 -17.29
CA MET A 23 1.56 4.62 -17.86
C MET A 23 0.89 5.93 -17.45
N ASN A 24 0.50 6.71 -18.45
CA ASN A 24 -0.16 7.99 -18.21
C ASN A 24 -1.38 8.16 -19.11
N ILE A 25 -1.24 7.74 -20.35
CA ILE A 25 -2.32 7.85 -21.33
C ILE A 25 -2.44 6.58 -22.16
N GLU A 26 -1.33 5.85 -22.28
CA GLU A 26 -1.30 4.61 -23.05
C GLU A 26 -2.27 3.59 -22.45
N GLY A 27 -2.91 2.83 -23.33
CA GLY A 27 -3.85 1.81 -22.88
C GLY A 27 -4.04 0.70 -23.91
N GLU A 28 -4.27 -0.51 -23.43
CA GLU A 28 -4.47 -1.65 -24.31
C GLU A 28 -5.96 -1.92 -24.52
N GLU A 29 -6.71 -2.01 -23.43
CA GLU A 29 -8.15 -2.27 -23.49
C GLU A 29 -8.86 -1.68 -22.28
N LEU A 30 -10.05 -1.12 -22.51
CA LEU A 30 -10.84 -0.53 -21.44
C LEU A 30 -12.01 -1.43 -21.07
N MET A 31 -12.15 -2.54 -21.77
CA MET A 31 -13.22 -3.49 -21.53
C MET A 31 -13.16 -4.03 -20.11
N PRO A 32 -14.34 -4.28 -19.49
CA PRO A 32 -14.40 -4.81 -18.12
C PRO A 32 -14.15 -6.32 -18.06
N SER A 33 -13.59 -6.86 -19.14
CA SER A 33 -13.29 -8.29 -19.21
C SER A 33 -12.18 -8.66 -18.22
N LEU A 34 -11.45 -7.65 -17.75
CA LEU A 34 -10.38 -7.88 -16.79
C LEU A 34 -10.23 -6.69 -15.85
N GLN A 35 -10.25 -6.97 -14.55
CA GLN A 35 -10.13 -5.93 -13.54
C GLN A 35 -9.39 -6.44 -12.31
N GLU A 36 -8.07 -6.38 -12.35
CA GLU A 36 -7.23 -6.84 -11.24
C GLU A 36 -6.19 -5.79 -10.88
N ALA A 37 -6.44 -4.55 -11.27
CA ALA A 37 -5.50 -3.46 -10.98
C ALA A 37 -5.88 -2.75 -9.69
N LEU A 38 -4.90 -2.61 -8.80
CA LEU A 38 -5.11 -1.95 -7.52
C LEU A 38 -5.15 -0.44 -7.69
N SER A 39 -6.33 0.15 -7.49
CA SER A 39 -6.50 1.58 -7.61
C SER A 39 -6.58 2.24 -6.24
N SER A 40 -6.43 1.43 -5.20
CA SER A 40 -6.48 1.92 -3.83
C SER A 40 -5.88 0.90 -2.87
N ASP A 41 -4.68 1.18 -2.38
CA ASP A 41 -4.00 0.29 -1.44
C ASP A 41 -4.29 0.70 -0.01
N ILE A 42 -4.14 -0.25 0.92
CA ILE A 42 -4.39 0.01 2.33
C ILE A 42 -3.33 -0.63 3.20
N LEU A 43 -2.93 0.08 4.27
CA LEU A 43 -1.93 -0.41 5.19
C LEU A 43 -1.97 0.37 6.51
N ASN A 44 -2.95 0.05 7.35
CA ASN A 44 -3.10 0.70 8.63
C ASN A 44 -3.88 -0.17 9.61
N ASP A 45 -4.64 -1.12 9.06
CA ASP A 45 -5.43 -2.03 9.89
C ASP A 45 -4.60 -3.19 10.37
N MET A 46 -3.40 -3.34 9.79
CA MET A 46 -2.51 -4.41 10.20
C MET A 46 -1.82 -4.05 11.51
N GLU A 47 -1.29 -2.84 11.58
CA GLU A 47 -0.63 -2.37 12.79
C GLU A 47 -1.58 -2.55 13.96
N SER A 48 -2.87 -2.39 13.67
CA SER A 48 -3.91 -2.55 14.68
C SER A 48 -4.38 -4.01 14.73
N VAL A 49 -4.23 -4.74 13.63
CA VAL A 49 -4.66 -6.13 13.58
C VAL A 49 -3.94 -6.97 14.62
N LEU A 50 -2.76 -6.51 15.03
CA LEU A 50 -1.96 -7.23 16.03
C LEU A 50 -2.59 -7.11 17.41
N ALA A 51 -3.48 -6.13 17.58
CA ALA A 51 -4.15 -5.90 18.84
C ALA A 51 -3.16 -5.64 19.98
N ALA A 52 -1.92 -5.34 19.61
CA ALA A 52 -0.87 -5.07 20.59
C ALA A 52 -1.10 -3.72 21.27
N THR A 53 -0.98 -2.64 20.49
CA THR A 53 -1.16 -1.29 21.01
C THR A 53 -0.16 -0.99 22.12
N LYS A 54 0.93 -0.31 21.77
CA LYS A 54 1.97 0.04 22.73
C LYS A 54 2.07 1.54 22.92
N LEU A 55 1.12 2.27 22.34
CA LEU A 55 1.10 3.73 22.44
C LEU A 55 0.62 4.18 23.83
N ASP A 56 1.48 4.91 24.52
CA ASP A 56 1.13 5.41 25.86
C ASP A 56 1.74 6.78 26.11
N LYS A 57 0.90 7.80 26.12
CA LYS A 57 1.36 9.17 26.36
C LYS A 57 0.35 9.93 27.22
N GLU A 58 -0.87 10.06 26.71
CA GLU A 58 -1.92 10.78 27.43
C GLU A 58 -2.53 9.89 28.51
N SER A 59 -2.37 8.58 28.35
CA SER A 59 -2.90 7.61 29.30
C SER A 59 -1.95 6.44 29.47
N PHE A 60 -1.92 5.87 30.67
CA PHE A 60 -1.04 4.74 30.96
C PHE A 60 -1.85 3.50 31.31
N LEU A 61 -1.27 2.33 31.04
CA LEU A 61 -1.92 1.05 31.33
C LEU A 61 -3.26 0.95 30.60
N THR A 62 -3.23 0.44 29.38
CA THR A 62 -4.44 0.29 28.58
C THR A 62 -5.40 -0.70 29.24
N TRP A 63 -6.67 -0.64 28.85
CA TRP A 63 -7.69 -1.52 29.40
C TRP A 63 -7.77 -1.38 30.91
N LEU A 64 -7.31 -0.22 31.42
CA LEU A 64 -7.33 0.05 32.85
C LEU A 64 -6.60 -1.03 33.63
N HIS A 6 12.61 8.44 0.65
CA HIS A 6 12.59 8.10 2.10
C HIS A 6 11.94 6.74 2.33
N HIS A 7 11.27 6.23 1.30
CA HIS A 7 10.60 4.93 1.39
C HIS A 7 11.53 3.82 0.93
N GLY A 8 12.77 4.18 0.61
CA GLY A 8 13.73 3.20 0.16
C GLY A 8 13.83 3.12 -1.35
N SER A 9 14.98 3.50 -1.90
CA SER A 9 15.20 3.47 -3.34
C SER A 9 16.69 3.45 -3.66
N GLY A 10 17.07 2.61 -4.63
CA GLY A 10 18.46 2.51 -5.02
C GLY A 10 19.27 1.69 -4.04
N THR A 11 19.61 0.46 -4.43
CA THR A 11 20.40 -0.42 -3.59
C THR A 11 21.56 -1.02 -4.36
N ASN A 12 21.25 -1.85 -5.34
CA ASN A 12 22.27 -2.50 -6.16
C ASN A 12 21.74 -2.80 -7.55
N VAL A 13 20.65 -3.56 -7.62
CA VAL A 13 20.04 -3.92 -8.89
C VAL A 13 18.91 -2.95 -9.24
N ASP A 14 18.58 -2.07 -8.30
CA ASP A 14 17.51 -1.09 -8.51
C ASP A 14 18.07 0.33 -8.42
N LEU A 15 19.34 0.48 -8.80
CA LEU A 15 20.00 1.79 -8.78
C LEU A 15 19.45 2.70 -9.87
N GLY A 16 18.54 3.61 -9.47
CA GLY A 16 17.95 4.52 -10.42
C GLY A 16 16.61 5.05 -9.95
N THR A 17 15.68 5.21 -10.90
CA THR A 17 14.35 5.71 -10.57
C THR A 17 13.42 4.57 -10.16
N LEU A 18 13.33 3.55 -11.01
CA LEU A 18 12.48 2.40 -10.74
C LEU A 18 11.03 2.83 -10.51
N GLU A 19 10.31 3.09 -11.58
CA GLU A 19 8.92 3.52 -11.49
C GLU A 19 7.99 2.47 -12.09
N GLY A 20 7.15 1.88 -11.24
CA GLY A 20 6.23 0.86 -11.69
C GLY A 20 5.32 0.36 -10.58
N ASP A 21 5.84 0.38 -9.35
CA ASP A 21 5.07 -0.08 -8.19
C ASP A 21 4.20 1.04 -7.64
N GLY A 22 3.87 2.01 -8.50
CA GLY A 22 3.04 3.12 -8.07
C GLY A 22 1.56 2.85 -8.24
N MET A 23 1.10 2.85 -9.48
CA MET A 23 -0.31 2.60 -9.78
C MET A 23 -0.46 1.35 -10.63
N ASN A 24 -1.44 0.50 -10.28
CA ASN A 24 -1.69 -0.73 -11.01
C ASN A 24 -3.17 -0.83 -11.38
N ILE A 25 -4.03 -0.40 -10.46
CA ILE A 25 -5.48 -0.46 -10.67
C ILE A 25 -5.98 0.86 -11.26
N GLU A 26 -5.31 1.96 -10.90
CA GLU A 26 -5.68 3.27 -11.40
C GLU A 26 -5.44 3.38 -12.90
N GLY A 27 -6.41 3.95 -13.60
CA GLY A 27 -6.28 4.11 -15.04
C GLY A 27 -7.62 4.02 -15.75
N GLU A 28 -7.57 3.69 -17.04
CA GLU A 28 -8.79 3.57 -17.85
C GLU A 28 -8.92 2.18 -18.44
N GLU A 29 -9.94 1.44 -18.01
CA GLU A 29 -10.17 0.08 -18.50
C GLU A 29 -11.12 0.09 -19.69
N LEU A 30 -10.89 -0.80 -20.64
CA LEU A 30 -11.74 -0.91 -21.83
C LEU A 30 -12.73 -2.05 -21.70
N MET A 31 -12.82 -2.62 -20.49
CA MET A 31 -13.74 -3.72 -20.24
C MET A 31 -15.18 -3.21 -20.08
N PRO A 32 -16.18 -4.02 -20.48
CA PRO A 32 -17.59 -3.64 -20.38
C PRO A 32 -18.13 -3.77 -18.96
N SER A 33 -17.77 -2.83 -18.09
CA SER A 33 -18.21 -2.85 -16.71
C SER A 33 -18.20 -1.45 -16.11
N LEU A 34 -18.80 -1.29 -14.94
CA LEU A 34 -18.86 0.01 -14.28
C LEU A 34 -17.47 0.42 -13.78
N GLN A 35 -17.11 -0.07 -12.60
CA GLN A 35 -15.81 0.23 -12.01
C GLN A 35 -15.23 -1.00 -11.32
N GLU A 36 -15.80 -1.34 -10.17
CA GLU A 36 -15.35 -2.49 -9.39
C GLU A 36 -13.84 -2.44 -9.14
N ALA A 37 -13.42 -1.42 -8.40
CA ALA A 37 -12.01 -1.26 -8.08
C ALA A 37 -11.81 -1.08 -6.58
N LEU A 38 -12.70 -1.67 -5.79
CA LEU A 38 -12.62 -1.57 -4.34
C LEU A 38 -12.22 -2.91 -3.73
N SER A 39 -12.22 -3.96 -4.55
CA SER A 39 -11.85 -5.30 -4.09
C SER A 39 -10.40 -5.61 -4.42
N SER A 40 -9.54 -4.59 -4.33
CA SER A 40 -8.13 -4.76 -4.63
C SER A 40 -7.30 -4.74 -3.34
N ASP A 41 -6.92 -5.92 -2.86
CA ASP A 41 -6.12 -6.03 -1.65
C ASP A 41 -4.62 -6.04 -1.98
N ILE A 42 -4.05 -4.85 -2.12
CA ILE A 42 -2.63 -4.74 -2.44
C ILE A 42 -1.91 -3.80 -1.48
N LEU A 43 -2.60 -3.46 -0.39
CA LEU A 43 -2.02 -2.56 0.62
C LEU A 43 -1.80 -3.30 1.94
N ASN A 44 -2.88 -3.86 2.49
CA ASN A 44 -2.81 -4.59 3.75
C ASN A 44 -2.16 -3.75 4.84
N ASP A 45 -2.90 -2.76 5.34
CA ASP A 45 -2.41 -1.88 6.39
C ASP A 45 -2.53 -2.51 7.75
N MET A 46 -3.56 -3.31 7.95
CA MET A 46 -3.76 -3.96 9.25
C MET A 46 -2.52 -4.73 9.67
N GLU A 47 -1.96 -5.52 8.76
CA GLU A 47 -0.75 -6.27 9.05
C GLU A 47 0.33 -5.35 9.58
N SER A 48 0.30 -4.11 9.08
CA SER A 48 1.25 -3.09 9.51
C SER A 48 0.72 -2.34 10.73
N VAL A 49 -0.60 -2.29 10.87
CA VAL A 49 -1.23 -1.62 12.00
C VAL A 49 -0.91 -2.33 13.31
N LEU A 50 -0.96 -3.65 13.30
CA LEU A 50 -0.67 -4.44 14.49
C LEU A 50 0.81 -4.37 14.84
N ALA A 51 1.64 -4.02 13.86
CA ALA A 51 3.07 -3.91 14.05
C ALA A 51 3.46 -2.52 14.54
N ALA A 52 2.56 -1.56 14.36
CA ALA A 52 2.81 -0.19 14.79
C ALA A 52 2.33 0.06 16.21
N THR A 53 1.02 -0.15 16.43
CA THR A 53 0.44 0.05 17.76
C THR A 53 0.53 -1.22 18.60
N LYS A 54 0.22 -1.09 19.88
CA LYS A 54 0.26 -2.22 20.80
C LYS A 54 -0.78 -2.07 21.90
N LEU A 55 -1.95 -2.67 21.68
CA LEU A 55 -3.04 -2.61 22.65
C LEU A 55 -3.42 -1.16 22.96
N ASP A 56 -4.37 -0.63 22.20
CA ASP A 56 -4.81 0.76 22.40
C ASP A 56 -6.19 0.80 23.07
N LYS A 57 -6.18 0.94 24.39
CA LYS A 57 -7.42 0.99 25.15
C LYS A 57 -7.31 1.99 26.31
N GLU A 58 -8.36 2.79 26.50
CA GLU A 58 -8.37 3.78 27.57
C GLU A 58 -9.68 3.70 28.36
N SER A 59 -9.71 4.35 29.52
CA SER A 59 -10.89 4.35 30.37
C SER A 59 -10.92 5.58 31.26
N PHE A 60 -11.99 6.36 31.15
CA PHE A 60 -12.15 7.58 31.96
C PHE A 60 -13.08 7.32 33.13
N LEU A 61 -12.53 7.33 34.33
CA LEU A 61 -13.29 7.11 35.54
C LEU A 61 -12.61 7.75 36.74
N THR A 62 -11.30 7.56 36.83
CA THR A 62 -10.52 8.12 37.92
C THR A 62 -9.55 9.18 37.43
N TRP A 63 -9.76 10.42 37.87
CA TRP A 63 -8.89 11.53 37.47
C TRP A 63 -7.77 11.73 38.49
N LEU A 64 -6.88 12.67 38.21
CA LEU A 64 -5.77 12.95 39.10
C LEU A 64 -6.11 14.08 40.06
N HIS A 6 24.83 1.45 -38.16
CA HIS A 6 25.87 1.36 -37.10
C HIS A 6 26.05 2.71 -36.40
N HIS A 7 24.95 3.44 -36.26
CA HIS A 7 24.99 4.75 -35.61
C HIS A 7 24.21 4.73 -34.30
N GLY A 8 23.61 3.59 -33.99
CA GLY A 8 22.83 3.45 -32.77
C GLY A 8 23.61 2.74 -31.67
N SER A 9 23.70 3.38 -30.52
CA SER A 9 24.43 2.80 -29.39
C SER A 9 23.70 3.07 -28.07
N GLY A 10 22.38 3.23 -28.15
CA GLY A 10 21.59 3.50 -26.96
C GLY A 10 21.23 4.97 -26.83
N THR A 11 19.93 5.24 -26.73
CA THR A 11 19.45 6.61 -26.60
C THR A 11 18.97 6.89 -25.17
N ASN A 12 19.73 6.39 -24.19
CA ASN A 12 19.39 6.58 -22.78
C ASN A 12 18.00 6.06 -22.47
N VAL A 13 17.91 4.76 -22.16
CA VAL A 13 16.63 4.14 -21.85
C VAL A 13 16.50 3.91 -20.34
N ASP A 14 15.35 3.37 -19.93
CA ASP A 14 15.10 3.10 -18.52
C ASP A 14 15.27 4.37 -17.68
N LEU A 15 14.23 5.18 -17.63
CA LEU A 15 14.26 6.43 -16.87
C LEU A 15 12.91 6.69 -16.21
N GLY A 16 11.84 6.28 -16.88
CA GLY A 16 10.50 6.50 -16.34
C GLY A 16 10.23 5.61 -15.14
N THR A 17 11.15 4.69 -14.87
CA THR A 17 11.01 3.78 -13.74
C THR A 17 11.77 4.28 -12.52
N LEU A 18 11.48 5.50 -12.10
CA LEU A 18 12.13 6.10 -10.95
C LEU A 18 11.52 5.58 -9.65
N GLU A 19 10.21 5.39 -9.66
CA GLU A 19 9.50 4.89 -8.49
C GLU A 19 8.56 3.74 -8.88
N GLY A 20 9.02 2.51 -8.66
CA GLY A 20 8.21 1.35 -8.98
C GLY A 20 8.96 0.05 -8.76
N ASP A 21 8.64 -0.64 -7.68
CA ASP A 21 9.29 -1.91 -7.35
C ASP A 21 8.80 -3.03 -8.27
N GLY A 22 7.48 -3.21 -8.32
CA GLY A 22 6.91 -4.26 -9.16
C GLY A 22 5.76 -3.74 -10.01
N MET A 23 5.85 -2.48 -10.42
CA MET A 23 4.82 -1.88 -11.25
C MET A 23 5.35 -1.55 -12.64
N ASN A 24 5.45 -2.58 -13.48
CA ASN A 24 5.95 -2.40 -14.85
C ASN A 24 4.93 -2.90 -15.86
N ILE A 25 4.02 -3.76 -15.40
CA ILE A 25 2.99 -4.31 -16.28
C ILE A 25 1.62 -3.73 -15.94
N GLU A 26 1.37 -3.49 -14.66
CA GLU A 26 0.11 -2.94 -14.21
C GLU A 26 -0.15 -1.58 -14.86
N GLY A 27 -1.40 -1.31 -15.18
CA GLY A 27 -1.74 -0.04 -15.80
C GLY A 27 -3.20 0.36 -15.57
N GLU A 28 -4.07 -0.06 -16.47
CA GLU A 28 -5.49 0.25 -16.36
C GLU A 28 -6.21 -0.79 -15.50
N GLU A 29 -5.48 -1.41 -14.59
CA GLU A 29 -6.06 -2.42 -13.70
C GLU A 29 -6.63 -1.77 -12.45
N LEU A 30 -7.67 -2.39 -11.89
CA LEU A 30 -8.32 -1.88 -10.69
C LEU A 30 -7.84 -2.63 -9.45
N MET A 31 -6.71 -3.31 -9.57
CA MET A 31 -6.14 -4.06 -8.47
C MET A 31 -5.37 -3.14 -7.51
N PRO A 32 -5.82 -3.02 -6.25
CA PRO A 32 -5.15 -2.15 -5.26
C PRO A 32 -3.69 -2.52 -5.05
N SER A 33 -2.80 -1.81 -5.73
CA SER A 33 -1.37 -2.07 -5.64
C SER A 33 -0.72 -1.10 -4.65
N LEU A 34 -1.34 0.05 -4.44
CA LEU A 34 -0.82 1.06 -3.53
C LEU A 34 -1.93 1.59 -2.62
N GLN A 35 -1.73 1.47 -1.32
CA GLN A 35 -2.71 1.93 -0.34
C GLN A 35 -2.03 2.64 0.83
N GLU A 36 -0.76 2.96 0.67
CA GLU A 36 0.01 3.64 1.71
C GLU A 36 0.90 4.72 1.11
N ALA A 37 0.79 5.93 1.63
CA ALA A 37 1.58 7.06 1.15
C ALA A 37 1.74 8.12 2.24
N LEU A 38 0.70 8.31 3.03
CA LEU A 38 0.73 9.29 4.11
C LEU A 38 -0.25 8.91 5.22
N SER A 39 0.23 8.11 6.17
CA SER A 39 -0.59 7.67 7.29
C SER A 39 0.26 7.36 8.50
N SER A 40 -0.39 7.07 9.63
CA SER A 40 0.31 6.75 10.86
C SER A 40 -0.44 5.67 11.64
N ASP A 41 0.32 4.76 12.24
CA ASP A 41 -0.26 3.66 13.01
C ASP A 41 0.77 3.07 13.98
N ILE A 42 0.35 2.82 15.21
CA ILE A 42 1.23 2.26 16.22
C ILE A 42 0.55 1.11 16.96
N LEU A 43 1.35 0.19 17.48
CA LEU A 43 0.83 -0.95 18.22
C LEU A 43 -0.07 -1.82 17.33
N ASN A 44 -0.62 -2.88 17.92
CA ASN A 44 -1.50 -3.79 17.19
C ASN A 44 -2.96 -3.44 17.45
N ASP A 45 -3.43 -2.39 16.80
CA ASP A 45 -4.81 -1.94 16.94
C ASP A 45 -5.72 -2.65 15.97
N MET A 46 -5.36 -2.67 14.71
CA MET A 46 -6.18 -3.34 13.70
C MET A 46 -6.41 -4.79 14.09
N GLU A 47 -5.34 -5.47 14.50
CA GLU A 47 -5.44 -6.86 14.92
C GLU A 47 -6.49 -6.98 16.01
N SER A 48 -6.65 -5.89 16.77
CA SER A 48 -7.62 -5.84 17.83
C SER A 48 -8.97 -5.36 17.29
N VAL A 49 -8.93 -4.53 16.26
CA VAL A 49 -10.15 -4.01 15.65
C VAL A 49 -10.97 -5.16 15.06
N LEU A 50 -10.29 -6.12 14.46
CA LEU A 50 -10.94 -7.27 13.85
C LEU A 50 -11.41 -8.27 14.91
N ALA A 51 -10.84 -8.16 16.10
CA ALA A 51 -11.20 -9.04 17.21
C ALA A 51 -12.44 -8.53 17.94
N ALA A 52 -12.80 -7.28 17.68
CA ALA A 52 -13.97 -6.68 18.31
C ALA A 52 -15.26 -7.37 17.86
N THR A 53 -15.74 -8.31 18.68
CA THR A 53 -16.95 -9.04 18.37
C THR A 53 -17.84 -9.18 19.61
N LYS A 54 -17.56 -8.35 20.62
CA LYS A 54 -18.32 -8.38 21.85
C LYS A 54 -19.34 -7.25 21.91
N LEU A 55 -20.49 -7.46 21.27
CA LEU A 55 -21.56 -6.46 21.24
C LEU A 55 -21.07 -5.16 20.61
N ASP A 56 -21.45 -4.93 19.35
CA ASP A 56 -21.08 -3.73 18.63
C ASP A 56 -22.18 -3.30 17.67
N LYS A 57 -22.17 -2.03 17.31
CA LYS A 57 -23.17 -1.49 16.39
C LYS A 57 -22.54 -0.47 15.43
N GLU A 58 -21.43 0.13 15.87
CA GLU A 58 -20.73 1.12 15.05
C GLU A 58 -19.22 0.86 15.07
N SER A 59 -18.61 0.88 13.90
CA SER A 59 -17.17 0.64 13.77
C SER A 59 -16.62 1.33 12.53
N PHE A 60 -17.41 1.34 11.46
CA PHE A 60 -16.99 1.95 10.21
C PHE A 60 -18.15 2.73 9.57
N LEU A 61 -17.84 3.86 8.97
CA LEU A 61 -18.85 4.69 8.33
C LEU A 61 -18.67 4.71 6.81
N THR A 62 -18.96 3.59 6.17
CA THR A 62 -18.84 3.49 4.71
C THR A 62 -20.12 3.95 4.03
N TRP A 63 -19.98 4.97 3.18
CA TRP A 63 -21.12 5.51 2.45
C TRP A 63 -21.75 4.45 1.54
N LEU A 64 -23.08 4.40 1.54
CA LEU A 64 -23.81 3.44 0.71
C LEU A 64 -24.80 4.14 -0.20
N HIS A 6 8.28 24.13 -20.91
CA HIS A 6 7.83 23.13 -19.91
C HIS A 6 9.01 22.34 -19.37
N HIS A 7 9.77 21.72 -20.28
CA HIS A 7 10.94 20.93 -19.88
C HIS A 7 12.02 21.82 -19.29
N GLY A 8 12.78 21.27 -18.36
CA GLY A 8 13.85 22.02 -17.71
C GLY A 8 14.02 21.69 -16.26
N SER A 9 13.86 20.41 -15.92
CA SER A 9 13.99 19.95 -14.53
C SER A 9 15.20 19.03 -14.39
N GLY A 10 15.69 18.50 -15.51
CA GLY A 10 16.84 17.62 -15.47
C GLY A 10 17.23 17.12 -16.85
N THR A 11 17.97 16.01 -16.89
CA THR A 11 18.41 15.43 -18.15
C THR A 11 17.94 14.00 -18.29
N ASN A 12 17.79 13.32 -17.15
CA ASN A 12 17.34 11.93 -17.14
C ASN A 12 15.88 11.83 -17.58
N VAL A 13 15.66 11.65 -18.88
CA VAL A 13 14.31 11.54 -19.41
C VAL A 13 13.88 10.08 -19.51
N ASP A 14 14.85 9.18 -19.38
CA ASP A 14 14.58 7.74 -19.45
C ASP A 14 14.56 7.12 -18.07
N LEU A 15 13.40 6.60 -17.66
CA LEU A 15 13.25 5.98 -16.36
C LEU A 15 13.99 4.65 -16.30
N GLY A 16 15.16 4.66 -15.68
CA GLY A 16 15.95 3.44 -15.56
C GLY A 16 16.11 3.00 -14.12
N THR A 17 15.44 1.91 -13.77
CA THR A 17 15.51 1.38 -12.41
C THR A 17 16.58 0.31 -12.29
N LEU A 18 16.51 -0.69 -13.16
CA LEU A 18 17.49 -1.78 -13.16
C LEU A 18 17.57 -2.45 -11.80
N GLU A 19 16.63 -3.36 -11.53
CA GLU A 19 16.59 -4.07 -10.26
C GLU A 19 17.16 -5.48 -10.41
N GLY A 20 16.54 -6.27 -11.27
CA GLY A 20 17.00 -7.63 -11.49
C GLY A 20 16.63 -8.15 -12.87
N ASP A 21 16.90 -9.43 -13.11
CA ASP A 21 16.59 -10.05 -14.39
C ASP A 21 15.31 -10.87 -14.31
N GLY A 22 14.50 -10.80 -15.36
CA GLY A 22 13.26 -11.54 -15.39
C GLY A 22 12.06 -10.66 -15.68
N MET A 23 10.98 -11.26 -16.16
CA MET A 23 9.77 -10.51 -16.49
C MET A 23 8.64 -10.87 -15.53
N ASN A 24 8.41 -9.99 -14.56
CA ASN A 24 7.35 -10.21 -13.57
C ASN A 24 6.62 -8.91 -13.28
N ILE A 25 7.26 -7.78 -13.58
CA ILE A 25 6.68 -6.48 -13.34
C ILE A 25 6.01 -5.93 -14.60
N GLU A 26 6.63 -6.18 -15.75
CA GLU A 26 6.11 -5.71 -17.03
C GLU A 26 5.05 -6.67 -17.57
N GLY A 27 3.92 -6.13 -17.97
CA GLY A 27 2.85 -6.96 -18.51
C GLY A 27 1.48 -6.54 -18.01
N GLU A 28 1.32 -6.49 -16.70
CA GLU A 28 0.05 -6.11 -16.09
C GLU A 28 0.06 -4.65 -15.66
N GLU A 29 -1.08 -3.97 -15.83
CA GLU A 29 -1.21 -2.58 -15.44
C GLU A 29 -2.67 -2.21 -15.21
N LEU A 30 -3.49 -3.23 -14.96
CA LEU A 30 -4.91 -3.03 -14.73
C LEU A 30 -5.17 -2.64 -13.27
N MET A 31 -4.74 -1.44 -12.89
CA MET A 31 -4.93 -0.95 -11.54
C MET A 31 -6.24 -0.19 -11.41
N PRO A 32 -6.91 -0.28 -10.24
CA PRO A 32 -8.20 0.40 -10.01
C PRO A 32 -8.03 1.92 -9.90
N SER A 33 -8.62 2.64 -10.85
CA SER A 33 -8.54 4.09 -10.85
C SER A 33 -9.89 4.72 -11.22
N LEU A 34 -10.97 4.08 -10.77
CA LEU A 34 -12.31 4.57 -11.04
C LEU A 34 -13.17 4.57 -9.78
N GLN A 35 -13.85 5.68 -9.53
CA GLN A 35 -14.71 5.82 -8.35
C GLN A 35 -13.90 5.67 -7.07
N GLU A 36 -13.45 6.80 -6.52
CA GLU A 36 -12.67 6.78 -5.30
C GLU A 36 -13.58 6.89 -4.07
N ALA A 37 -14.87 6.66 -4.29
CA ALA A 37 -15.86 6.72 -3.21
C ALA A 37 -16.82 5.54 -3.28
N LEU A 38 -16.38 4.46 -3.91
CA LEU A 38 -17.20 3.26 -4.06
C LEU A 38 -17.33 2.52 -2.72
N SER A 39 -16.19 2.10 -2.17
CA SER A 39 -16.17 1.39 -0.90
C SER A 39 -16.60 2.30 0.25
N SER A 40 -17.66 1.88 0.95
CA SER A 40 -18.17 2.67 2.07
C SER A 40 -18.00 1.90 3.38
N ASP A 41 -17.14 2.42 4.26
CA ASP A 41 -16.88 1.79 5.55
C ASP A 41 -16.41 0.35 5.37
N ILE A 42 -15.12 0.20 5.09
CA ILE A 42 -14.52 -1.13 4.89
C ILE A 42 -13.68 -1.54 6.09
N LEU A 43 -13.07 -0.55 6.75
CA LEU A 43 -12.24 -0.79 7.92
C LEU A 43 -12.92 -0.30 9.19
N ASN A 44 -12.97 -1.16 10.20
CA ASN A 44 -13.61 -0.81 11.47
C ASN A 44 -12.59 -0.73 12.60
N ASP A 45 -11.31 -0.83 12.25
CA ASP A 45 -10.24 -0.76 13.23
C ASP A 45 -10.06 0.65 13.74
N MET A 46 -10.64 1.62 13.03
CA MET A 46 -10.53 3.01 13.45
C MET A 46 -11.52 3.30 14.55
N GLU A 47 -12.75 2.81 14.40
CA GLU A 47 -13.78 3.02 15.41
C GLU A 47 -13.24 2.57 16.76
N SER A 48 -12.44 1.51 16.73
CA SER A 48 -11.82 0.97 17.92
C SER A 48 -10.47 1.61 18.19
N VAL A 49 -9.80 2.10 17.12
CA VAL A 49 -8.50 2.72 17.27
C VAL A 49 -8.50 3.83 18.33
N LEU A 50 -9.68 4.37 18.59
CA LEU A 50 -9.82 5.43 19.59
C LEU A 50 -9.41 4.95 20.97
N ALA A 51 -10.08 3.90 21.44
CA ALA A 51 -9.79 3.34 22.75
C ALA A 51 -8.69 2.29 22.68
N ALA A 52 -7.84 2.40 21.65
CA ALA A 52 -6.74 1.46 21.46
C ALA A 52 -5.42 2.07 21.90
N THR A 53 -4.88 1.59 23.01
CA THR A 53 -3.61 2.08 23.53
C THR A 53 -2.71 0.93 23.98
N LYS A 54 -3.31 -0.23 24.21
CA LYS A 54 -2.56 -1.40 24.64
C LYS A 54 -3.37 -2.67 24.41
N LEU A 55 -4.57 -2.72 24.95
CA LEU A 55 -5.45 -3.87 24.81
C LEU A 55 -6.23 -3.81 23.50
N ASP A 56 -5.73 -4.51 22.49
CA ASP A 56 -6.37 -4.53 21.18
C ASP A 56 -5.97 -5.78 20.40
N LYS A 57 -4.89 -6.42 20.83
CA LYS A 57 -4.41 -7.63 20.18
C LYS A 57 -4.01 -8.68 21.20
N GLU A 58 -4.84 -9.70 21.36
CA GLU A 58 -4.59 -10.77 22.31
C GLU A 58 -3.74 -11.88 21.67
N SER A 59 -2.80 -12.41 22.45
CA SER A 59 -1.92 -13.47 21.98
C SER A 59 -1.71 -14.52 23.07
N PHE A 60 -1.25 -15.70 22.66
CA PHE A 60 -1.02 -16.78 23.61
C PHE A 60 0.01 -17.76 23.07
N LEU A 61 1.10 -17.94 23.82
CA LEU A 61 2.17 -18.85 23.43
C LEU A 61 1.77 -20.31 23.66
N THR A 62 1.97 -21.14 22.64
CA THR A 62 1.63 -22.56 22.73
C THR A 62 2.86 -23.39 23.07
N TRP A 63 2.75 -24.19 24.14
CA TRP A 63 3.85 -25.04 24.56
C TRP A 63 3.34 -26.43 24.93
N LEU A 64 2.10 -26.51 25.37
CA LEU A 64 1.50 -27.78 25.76
C LEU A 64 0.12 -27.94 25.13
N HIS A 6 13.48 9.63 14.96
CA HIS A 6 12.03 9.58 14.69
C HIS A 6 11.29 10.71 15.40
N HIS A 7 10.22 11.19 14.78
CA HIS A 7 9.43 12.28 15.36
C HIS A 7 7.96 11.88 15.47
N GLY A 8 7.42 11.33 14.39
CA GLY A 8 6.02 10.92 14.38
C GLY A 8 5.59 10.37 13.04
N SER A 9 6.47 9.61 12.40
CA SER A 9 6.17 9.01 11.10
C SER A 9 6.89 7.68 10.94
N GLY A 10 6.72 7.05 9.78
CA GLY A 10 7.35 5.77 9.53
C GLY A 10 7.72 5.59 8.06
N THR A 11 7.95 6.69 7.37
CA THR A 11 8.33 6.67 5.96
C THR A 11 7.27 5.94 5.13
N ASN A 12 6.25 6.68 4.69
CA ASN A 12 5.17 6.12 3.90
C ASN A 12 4.51 7.19 3.04
N VAL A 13 5.29 8.19 2.65
CA VAL A 13 4.78 9.28 1.83
C VAL A 13 5.67 9.50 0.61
N ASP A 14 6.79 8.79 0.56
CA ASP A 14 7.72 8.90 -0.55
C ASP A 14 7.26 8.05 -1.73
N LEU A 15 7.67 8.44 -2.94
CA LEU A 15 7.30 7.70 -4.14
C LEU A 15 8.47 7.67 -5.14
N GLY A 16 8.61 6.55 -5.83
CA GLY A 16 9.68 6.41 -6.79
C GLY A 16 10.26 5.01 -6.82
N THR A 17 9.56 4.09 -7.47
CA THR A 17 10.01 2.71 -7.58
C THR A 17 10.03 2.23 -9.02
N LEU A 18 11.23 2.09 -9.57
CA LEU A 18 11.40 1.65 -10.95
C LEU A 18 11.73 0.17 -11.01
N GLU A 19 11.92 -0.44 -9.84
CA GLU A 19 12.26 -1.86 -9.76
C GLU A 19 11.03 -2.68 -9.40
N GLY A 20 10.93 -3.86 -10.01
CA GLY A 20 9.80 -4.74 -9.75
C GLY A 20 8.68 -4.54 -10.73
N ASP A 21 7.78 -5.52 -10.82
CA ASP A 21 6.65 -5.45 -11.74
C ASP A 21 5.47 -6.26 -11.22
N GLY A 22 4.27 -5.76 -11.44
CA GLY A 22 3.07 -6.44 -10.98
C GLY A 22 2.11 -6.76 -12.11
N MET A 23 2.60 -7.46 -13.12
CA MET A 23 1.78 -7.82 -14.28
C MET A 23 1.79 -9.33 -14.50
N ASN A 24 2.77 -10.00 -13.89
CA ASN A 24 2.89 -11.45 -14.02
C ASN A 24 1.90 -12.17 -13.11
N ILE A 25 1.44 -11.47 -12.07
CA ILE A 25 0.49 -12.04 -11.13
C ILE A 25 -0.91 -11.48 -11.34
N GLU A 26 -1.08 -10.75 -12.44
CA GLU A 26 -2.38 -10.15 -12.77
C GLU A 26 -2.87 -9.26 -11.63
N GLY A 27 -1.93 -8.65 -10.91
CA GLY A 27 -2.30 -7.78 -9.81
C GLY A 27 -3.08 -6.57 -10.26
N GLU A 28 -2.40 -5.63 -10.91
CA GLU A 28 -3.05 -4.41 -11.40
C GLU A 28 -4.05 -4.74 -12.49
N GLU A 29 -5.16 -3.99 -12.51
CA GLU A 29 -6.21 -4.21 -13.51
C GLU A 29 -6.92 -2.91 -13.83
N LEU A 30 -7.83 -2.97 -14.81
CA LEU A 30 -8.58 -1.80 -15.23
C LEU A 30 -10.03 -2.17 -15.57
N MET A 31 -10.27 -3.47 -15.71
CA MET A 31 -11.60 -3.97 -16.05
C MET A 31 -12.62 -3.57 -14.98
N PRO A 32 -13.90 -3.40 -15.37
CA PRO A 32 -14.96 -3.02 -14.43
C PRO A 32 -15.20 -4.09 -13.36
N SER A 33 -14.87 -3.77 -12.12
CA SER A 33 -15.05 -4.69 -11.01
C SER A 33 -15.86 -4.05 -9.89
N LEU A 34 -16.69 -3.09 -10.25
CA LEU A 34 -17.54 -2.40 -9.27
C LEU A 34 -16.69 -1.74 -8.18
N GLN A 35 -17.36 -1.22 -7.16
CA GLN A 35 -16.67 -0.57 -6.05
C GLN A 35 -15.76 0.56 -6.54
N GLU A 36 -16.35 1.74 -6.74
CA GLU A 36 -15.60 2.90 -7.20
C GLU A 36 -14.56 3.33 -6.16
N ALA A 37 -13.28 3.09 -6.47
CA ALA A 37 -12.21 3.46 -5.56
C ALA A 37 -11.64 4.84 -5.90
N LEU A 38 -11.50 5.67 -4.88
CA LEU A 38 -10.98 7.02 -5.08
C LEU A 38 -10.19 7.48 -3.85
N SER A 39 -8.87 7.40 -3.94
CA SER A 39 -8.00 7.81 -2.84
C SER A 39 -8.30 7.01 -1.56
N SER A 40 -7.67 7.40 -0.46
CA SER A 40 -7.87 6.73 0.80
C SER A 40 -7.53 7.66 1.98
N ASP A 41 -8.48 8.53 2.32
CA ASP A 41 -8.30 9.47 3.42
C ASP A 41 -8.71 8.85 4.75
N ILE A 42 -9.00 7.55 4.73
CA ILE A 42 -9.41 6.85 5.94
C ILE A 42 -8.45 5.71 6.27
N LEU A 43 -7.23 5.82 5.75
CA LEU A 43 -6.20 4.80 5.98
C LEU A 43 -4.82 5.43 6.04
N ASN A 44 -4.53 6.13 7.13
CA ASN A 44 -3.25 6.79 7.31
C ASN A 44 -2.80 6.73 8.77
N ASP A 45 -3.75 6.47 9.67
CA ASP A 45 -3.45 6.38 11.09
C ASP A 45 -3.09 4.96 11.49
N MET A 46 -3.98 4.02 11.23
CA MET A 46 -3.72 2.63 11.58
C MET A 46 -2.41 2.17 10.99
N GLU A 47 -2.18 2.50 9.72
CA GLU A 47 -0.96 2.14 9.03
C GLU A 47 0.24 2.56 9.88
N SER A 48 0.07 3.68 10.58
CA SER A 48 1.11 4.20 11.45
C SER A 48 0.97 3.61 12.85
N VAL A 49 -0.26 3.29 13.24
CA VAL A 49 -0.51 2.72 14.56
C VAL A 49 0.22 1.39 14.72
N LEU A 50 0.35 0.64 13.63
CA LEU A 50 1.03 -0.64 13.66
C LEU A 50 2.55 -0.47 13.65
N ALA A 51 2.99 0.71 13.20
CA ALA A 51 4.42 1.01 13.14
C ALA A 51 5.17 0.04 12.24
N ALA A 52 4.41 -0.71 11.43
CA ALA A 52 5.01 -1.68 10.52
C ALA A 52 5.09 -1.12 9.11
N THR A 53 6.12 -1.54 8.38
CA THR A 53 6.32 -1.06 7.01
C THR A 53 6.95 -2.15 6.14
N LYS A 54 8.10 -2.65 6.56
CA LYS A 54 8.80 -3.69 5.81
C LYS A 54 8.29 -5.08 6.19
N LEU A 55 8.12 -5.94 5.19
CA LEU A 55 7.64 -7.30 5.41
C LEU A 55 6.28 -7.29 6.09
N ASP A 56 5.21 -7.32 5.30
CA ASP A 56 3.87 -7.31 5.82
C ASP A 56 2.87 -7.88 4.82
N LYS A 57 2.38 -9.09 5.09
CA LYS A 57 1.43 -9.75 4.20
C LYS A 57 0.19 -10.20 4.97
N GLU A 58 -0.77 -9.30 5.11
CA GLU A 58 -2.00 -9.62 5.83
C GLU A 58 -3.16 -9.86 4.86
N SER A 59 -2.80 -10.12 3.60
CA SER A 59 -3.80 -10.38 2.55
C SER A 59 -4.79 -9.23 2.43
N PHE A 60 -5.83 -9.43 1.65
CA PHE A 60 -6.85 -8.39 1.44
C PHE A 60 -7.82 -8.36 2.62
N LEU A 61 -8.60 -9.43 2.78
CA LEU A 61 -9.57 -9.52 3.86
C LEU A 61 -9.00 -10.33 5.03
N THR A 62 -8.95 -9.71 6.20
CA THR A 62 -8.43 -10.36 7.39
C THR A 62 -9.54 -11.04 8.18
N TRP A 63 -9.16 -11.70 9.27
CA TRP A 63 -10.13 -12.40 10.13
C TRP A 63 -10.90 -13.45 9.33
N LEU A 64 -10.20 -14.12 8.40
CA LEU A 64 -10.81 -15.15 7.58
C LEU A 64 -10.62 -16.53 8.21
N HIS A 6 8.63 -2.08 -36.74
CA HIS A 6 8.50 -0.60 -36.56
C HIS A 6 8.57 -0.22 -35.08
N HIS A 7 9.78 0.03 -34.60
CA HIS A 7 10.00 0.41 -33.20
C HIS A 7 9.59 1.86 -32.97
N GLY A 8 8.77 2.09 -31.96
CA GLY A 8 8.33 3.44 -31.64
C GLY A 8 8.01 3.62 -30.17
N SER A 9 8.92 4.25 -29.44
CA SER A 9 8.74 4.49 -28.01
C SER A 9 8.52 3.19 -27.26
N GLY A 10 9.61 2.56 -26.83
CA GLY A 10 9.51 1.30 -26.12
C GLY A 10 10.68 1.09 -25.17
N THR A 11 10.61 1.69 -23.99
CA THR A 11 11.68 1.55 -23.00
C THR A 11 11.46 0.33 -22.12
N ASN A 12 12.52 -0.10 -21.43
CA ASN A 12 12.44 -1.26 -20.56
C ASN A 12 13.63 -1.30 -19.60
N VAL A 13 14.78 -0.83 -20.08
CA VAL A 13 15.99 -0.82 -19.28
C VAL A 13 16.20 0.54 -18.62
N ASP A 14 17.14 0.60 -17.69
CA ASP A 14 17.45 1.84 -16.98
C ASP A 14 18.73 1.70 -16.17
N LEU A 15 19.86 2.04 -16.79
CA LEU A 15 21.16 1.95 -16.12
C LEU A 15 21.46 3.23 -15.34
N GLY A 16 21.11 3.23 -14.06
CA GLY A 16 21.34 4.40 -13.23
C GLY A 16 22.59 4.26 -12.39
N THR A 17 22.44 4.42 -11.07
CA THR A 17 23.56 4.31 -10.15
C THR A 17 23.10 3.82 -8.78
N LEU A 18 21.99 4.37 -8.30
CA LEU A 18 21.44 3.99 -7.00
C LEU A 18 19.96 3.67 -7.10
N GLU A 19 19.64 2.38 -7.18
CA GLU A 19 18.25 1.94 -7.29
C GLU A 19 17.79 1.28 -6.00
N GLY A 20 16.55 1.53 -5.62
CA GLY A 20 16.00 0.95 -4.40
C GLY A 20 15.74 1.98 -3.33
N ASP A 21 14.65 2.74 -3.49
CA ASP A 21 14.29 3.78 -2.53
C ASP A 21 12.81 3.70 -2.17
N GLY A 22 11.97 3.62 -3.19
CA GLY A 22 10.54 3.53 -2.96
C GLY A 22 9.74 4.30 -4.00
N MET A 23 10.14 5.55 -4.24
CA MET A 23 9.46 6.40 -5.21
C MET A 23 10.10 6.25 -6.59
N ASN A 24 9.57 5.32 -7.39
CA ASN A 24 10.08 5.09 -8.73
C ASN A 24 9.47 6.07 -9.72
N ILE A 25 9.54 7.36 -9.38
CA ILE A 25 8.99 8.40 -10.23
C ILE A 25 7.49 8.19 -10.47
N GLU A 26 6.74 8.12 -9.38
CA GLU A 26 5.29 7.91 -9.44
C GLU A 26 4.95 6.70 -10.31
N GLY A 27 5.21 5.52 -9.79
CA GLY A 27 4.92 4.30 -10.52
C GLY A 27 4.07 3.33 -9.73
N GLU A 28 3.75 3.70 -8.50
CA GLU A 28 2.93 2.85 -7.63
C GLU A 28 1.69 3.60 -7.14
N GLU A 29 0.53 3.14 -7.58
CA GLU A 29 -0.72 3.78 -7.20
C GLU A 29 -1.32 3.09 -5.97
N LEU A 30 -2.22 3.79 -5.29
CA LEU A 30 -2.88 3.24 -4.10
C LEU A 30 -4.39 3.32 -4.23
N MET A 31 -4.88 3.38 -5.47
CA MET A 31 -6.30 3.45 -5.73
C MET A 31 -6.95 2.08 -5.58
N PRO A 32 -8.11 2.00 -4.89
CA PRO A 32 -8.82 0.73 -4.66
C PRO A 32 -9.42 0.19 -5.96
N SER A 33 -9.13 -1.08 -6.24
CA SER A 33 -9.65 -1.72 -7.44
C SER A 33 -10.77 -2.69 -7.10
N LEU A 34 -10.82 -3.12 -5.85
CA LEU A 34 -11.86 -4.04 -5.39
C LEU A 34 -13.09 -3.30 -4.91
N GLN A 35 -14.21 -3.51 -5.60
CA GLN A 35 -15.46 -2.86 -5.24
C GLN A 35 -16.65 -3.73 -5.61
N GLU A 36 -16.38 -4.94 -6.07
CA GLU A 36 -17.43 -5.88 -6.46
C GLU A 36 -17.91 -6.69 -5.26
N ALA A 37 -17.54 -6.24 -4.06
CA ALA A 37 -17.92 -6.93 -2.84
C ALA A 37 -19.30 -6.46 -2.37
N LEU A 38 -20.22 -7.42 -2.19
CA LEU A 38 -21.56 -7.11 -1.74
C LEU A 38 -21.76 -7.52 -0.28
N SER A 39 -21.10 -8.60 0.11
CA SER A 39 -21.19 -9.10 1.48
C SER A 39 -19.82 -9.10 2.16
N SER A 40 -19.80 -8.69 3.43
CA SER A 40 -18.56 -8.64 4.18
C SER A 40 -18.64 -9.51 5.44
N ASP A 41 -18.09 -10.72 5.35
CA ASP A 41 -18.10 -11.65 6.48
C ASP A 41 -16.90 -11.42 7.39
N ILE A 42 -15.71 -11.47 6.82
CA ILE A 42 -14.48 -11.27 7.58
C ILE A 42 -13.48 -10.44 6.78
N LEU A 43 -13.45 -9.14 7.05
CA LEU A 43 -12.54 -8.24 6.36
C LEU A 43 -12.24 -7.01 7.21
N ASN A 44 -13.16 -6.70 8.12
CA ASN A 44 -13.01 -5.55 9.00
C ASN A 44 -13.34 -5.92 10.44
N ASP A 45 -12.88 -7.09 10.86
CA ASP A 45 -13.12 -7.56 12.22
C ASP A 45 -12.16 -6.91 13.20
N MET A 46 -10.87 -7.04 12.95
CA MET A 46 -9.88 -6.44 13.85
C MET A 46 -10.13 -4.95 14.00
N GLU A 47 -10.51 -4.30 12.90
CA GLU A 47 -10.81 -2.88 12.93
C GLU A 47 -11.85 -2.61 14.01
N SER A 48 -12.75 -3.58 14.18
CA SER A 48 -13.80 -3.49 15.18
C SER A 48 -13.30 -4.05 16.51
N VAL A 49 -12.40 -5.04 16.44
CA VAL A 49 -11.86 -5.65 17.66
C VAL A 49 -11.10 -4.62 18.49
N LEU A 50 -10.47 -3.67 17.81
CA LEU A 50 -9.71 -2.62 18.49
C LEU A 50 -10.62 -1.47 18.92
N ALA A 51 -11.78 -1.37 18.26
CA ALA A 51 -12.75 -0.32 18.56
C ALA A 51 -12.16 1.07 18.35
N ALA A 52 -11.02 1.12 17.66
CA ALA A 52 -10.35 2.38 17.40
C ALA A 52 -10.65 2.89 15.98
N THR A 53 -11.87 3.38 15.80
CA THR A 53 -12.30 3.89 14.49
C THR A 53 -11.72 5.28 14.24
N LYS A 54 -11.23 5.92 15.29
CA LYS A 54 -10.64 7.25 15.17
C LYS A 54 -9.38 7.22 14.32
N LEU A 55 -9.35 8.04 13.27
CA LEU A 55 -8.20 8.11 12.37
C LEU A 55 -7.95 6.76 11.70
N ASP A 56 -7.06 6.76 10.71
CA ASP A 56 -6.72 5.54 9.99
C ASP A 56 -5.32 5.62 9.40
N LYS A 57 -4.32 5.34 10.22
CA LYS A 57 -2.92 5.38 9.78
C LYS A 57 -2.19 4.10 10.17
N GLU A 58 -1.13 3.79 9.42
CA GLU A 58 -0.34 2.58 9.67
C GLU A 58 1.10 2.80 9.24
N SER A 59 2.03 2.25 10.01
CA SER A 59 3.45 2.37 9.70
C SER A 59 4.27 1.32 10.44
N PHE A 60 4.38 0.13 9.85
CA PHE A 60 5.13 -0.96 10.44
C PHE A 60 6.58 -0.96 9.94
N LEU A 61 7.52 -0.94 10.87
CA LEU A 61 8.94 -0.93 10.52
C LEU A 61 9.44 -2.33 10.18
N THR A 62 10.32 -2.41 9.19
CA THR A 62 10.89 -3.68 8.75
C THR A 62 12.37 -3.54 8.45
N TRP A 63 12.74 -2.44 7.79
CA TRP A 63 14.13 -2.19 7.44
C TRP A 63 14.67 -0.98 8.19
N LEU A 64 15.37 -1.24 9.29
CA LEU A 64 15.94 -0.17 10.10
C LEU A 64 16.98 -0.72 11.08
N HIS A 6 26.19 14.39 1.86
CA HIS A 6 25.57 13.37 0.96
C HIS A 6 24.86 12.28 1.77
N HIS A 7 23.76 11.78 1.21
CA HIS A 7 22.99 10.74 1.89
C HIS A 7 22.99 9.44 1.07
N GLY A 8 24.07 9.21 0.33
CA GLY A 8 24.16 8.01 -0.47
C GLY A 8 23.35 8.10 -1.75
N SER A 9 23.76 7.37 -2.78
CA SER A 9 23.06 7.38 -4.05
C SER A 9 22.29 6.07 -4.26
N GLY A 10 20.97 6.14 -4.12
CA GLY A 10 20.14 4.96 -4.29
C GLY A 10 18.74 5.31 -4.76
N THR A 11 18.40 4.90 -5.98
CA THR A 11 17.08 5.18 -6.54
C THR A 11 16.72 4.14 -7.60
N ASN A 12 15.42 4.03 -7.87
CA ASN A 12 14.94 3.07 -8.87
C ASN A 12 14.05 3.78 -9.90
N VAL A 13 14.66 4.14 -11.03
CA VAL A 13 13.92 4.82 -12.10
C VAL A 13 14.14 4.12 -13.45
N ASP A 14 15.33 3.57 -13.63
CA ASP A 14 15.66 2.88 -14.88
C ASP A 14 16.86 1.94 -14.69
N LEU A 15 16.68 0.68 -15.08
CA LEU A 15 17.74 -0.32 -14.97
C LEU A 15 17.77 -1.23 -16.18
N GLY A 16 18.87 -1.18 -16.93
CA GLY A 16 19.00 -2.01 -18.11
C GLY A 16 18.68 -1.26 -19.39
N THR A 17 17.43 -1.34 -19.83
CA THR A 17 16.99 -0.66 -21.04
C THR A 17 15.51 -0.33 -20.97
N LEU A 18 14.68 -1.36 -20.84
CA LEU A 18 13.23 -1.18 -20.77
C LEU A 18 12.70 -0.47 -22.01
N GLU A 19 12.23 -1.25 -22.98
CA GLU A 19 11.69 -0.70 -24.21
C GLU A 19 10.17 -0.78 -24.23
N GLY A 20 9.58 -1.18 -23.11
CA GLY A 20 8.14 -1.30 -23.03
C GLY A 20 7.51 -0.19 -22.19
N ASP A 21 6.48 0.45 -22.74
CA ASP A 21 5.80 1.53 -22.05
C ASP A 21 4.29 1.46 -22.31
N GLY A 22 3.57 0.75 -21.45
CA GLY A 22 2.14 0.63 -21.61
C GLY A 22 1.40 0.79 -20.29
N MET A 23 2.07 0.48 -19.19
CA MET A 23 1.48 0.59 -17.87
C MET A 23 1.54 2.04 -17.36
N ASN A 24 0.45 2.77 -17.55
CA ASN A 24 0.37 4.16 -17.11
C ASN A 24 -1.07 4.56 -16.84
N ILE A 25 -1.95 3.57 -16.71
CA ILE A 25 -3.36 3.82 -16.46
C ILE A 25 -3.93 2.80 -15.48
N GLU A 26 -3.31 1.62 -15.44
CA GLU A 26 -3.76 0.56 -14.56
C GLU A 26 -3.09 0.65 -13.19
N GLY A 27 -2.76 1.88 -12.78
CA GLY A 27 -2.11 2.09 -11.50
C GLY A 27 -1.42 3.43 -11.40
N GLU A 28 -1.35 3.97 -10.19
CA GLU A 28 -0.71 5.26 -9.96
C GLU A 28 0.73 5.08 -9.47
N GLU A 29 1.64 4.92 -10.42
CA GLU A 29 3.06 4.73 -10.11
C GLU A 29 3.27 3.55 -9.17
N LEU A 30 4.45 3.48 -8.57
CA LEU A 30 4.77 2.40 -7.64
C LEU A 30 3.83 2.43 -6.44
N MET A 31 3.25 3.59 -6.18
CA MET A 31 2.33 3.75 -5.06
C MET A 31 1.10 2.87 -5.25
N PRO A 32 0.69 2.13 -4.18
CA PRO A 32 -0.46 1.25 -4.25
C PRO A 32 -1.78 2.01 -4.29
N SER A 33 -2.62 1.70 -5.27
CA SER A 33 -3.92 2.36 -5.42
C SER A 33 -5.03 1.34 -5.66
N LEU A 34 -4.67 0.06 -5.63
CA LEU A 34 -5.64 -1.00 -5.84
C LEU A 34 -6.21 -1.49 -4.52
N GLN A 35 -7.43 -1.08 -4.22
CA GLN A 35 -8.10 -1.46 -2.99
C GLN A 35 -9.07 -2.62 -3.22
N GLU A 36 -9.04 -3.61 -2.34
CA GLU A 36 -9.91 -4.76 -2.45
C GLU A 36 -10.72 -4.97 -1.17
N ALA A 37 -10.19 -4.47 -0.06
CA ALA A 37 -10.86 -4.59 1.23
C ALA A 37 -12.04 -3.63 1.34
N LEU A 38 -12.55 -3.45 2.55
CA LEU A 38 -13.68 -2.56 2.80
C LEU A 38 -14.88 -2.98 1.98
N SER A 39 -15.68 -3.88 2.53
CA SER A 39 -16.88 -4.38 1.85
C SER A 39 -17.91 -4.85 2.86
N SER A 40 -19.09 -4.23 2.82
CA SER A 40 -20.18 -4.58 3.72
C SER A 40 -19.77 -4.42 5.19
N ASP A 41 -20.09 -3.26 5.76
CA ASP A 41 -19.75 -2.97 7.15
C ASP A 41 -18.24 -3.07 7.39
N ILE A 42 -17.86 -2.96 8.66
CA ILE A 42 -16.44 -3.03 9.03
C ILE A 42 -16.28 -3.21 10.54
N LEU A 43 -15.24 -3.94 10.94
CA LEU A 43 -14.97 -4.18 12.35
C LEU A 43 -13.46 -4.24 12.61
N ASN A 44 -12.95 -3.25 13.32
CA ASN A 44 -11.52 -3.19 13.63
C ASN A 44 -11.27 -3.52 15.10
N ASP A 45 -12.19 -4.27 15.70
CA ASP A 45 -12.06 -4.66 17.10
C ASP A 45 -11.17 -5.87 17.25
N MET A 46 -10.90 -6.55 16.14
CA MET A 46 -10.04 -7.72 16.17
C MET A 46 -8.58 -7.29 16.20
N GLU A 47 -8.23 -6.35 15.33
CA GLU A 47 -6.87 -5.84 15.28
C GLU A 47 -6.50 -5.32 16.67
N SER A 48 -7.53 -4.88 17.39
CA SER A 48 -7.36 -4.37 18.74
C SER A 48 -7.48 -5.49 19.76
N VAL A 49 -8.29 -6.52 19.46
CA VAL A 49 -8.46 -7.64 20.39
C VAL A 49 -7.17 -8.45 20.52
N LEU A 50 -6.29 -8.32 19.54
CA LEU A 50 -5.02 -9.05 19.54
C LEU A 50 -4.00 -8.35 20.42
N ALA A 51 -4.27 -7.08 20.73
CA ALA A 51 -3.38 -6.28 21.58
C ALA A 51 -2.00 -6.11 20.95
N ALA A 52 -1.89 -6.50 19.68
CA ALA A 52 -0.63 -6.39 18.96
C ALA A 52 -0.85 -6.43 17.45
N THR A 53 0.19 -6.05 16.71
CA THR A 53 0.12 -6.02 15.25
C THR A 53 -1.06 -5.18 14.77
N LYS A 54 -0.91 -3.87 14.84
CA LYS A 54 -1.97 -2.96 14.41
C LYS A 54 -1.71 -2.45 12.99
N LEU A 55 -2.39 -3.05 12.02
CA LEU A 55 -2.24 -2.67 10.63
C LEU A 55 -3.34 -1.70 10.21
N ASP A 56 -3.90 -1.00 11.19
CA ASP A 56 -4.96 -0.03 10.93
C ASP A 56 -4.40 1.39 10.83
N LYS A 57 -5.24 2.31 10.38
CA LYS A 57 -4.83 3.72 10.24
C LYS A 57 -5.92 4.64 10.75
N GLU A 58 -6.02 4.76 12.08
CA GLU A 58 -7.02 5.61 12.71
C GLU A 58 -6.84 7.06 12.27
N SER A 59 -7.95 7.69 11.84
CA SER A 59 -7.92 9.07 11.40
C SER A 59 -8.68 9.97 12.36
N PHE A 60 -8.09 11.12 12.69
CA PHE A 60 -8.72 12.06 13.61
C PHE A 60 -9.60 13.05 12.85
N LEU A 61 -9.33 13.22 11.57
CA LEU A 61 -10.10 14.13 10.73
C LEU A 61 -11.34 13.44 10.18
N THR A 62 -12.50 14.03 10.43
CA THR A 62 -13.77 13.47 9.96
C THR A 62 -14.36 14.29 8.82
N TRP A 63 -14.62 13.64 7.69
CA TRP A 63 -15.19 14.31 6.53
C TRP A 63 -16.66 13.93 6.36
N LEU A 64 -17.02 12.74 6.83
CA LEU A 64 -18.38 12.25 6.72
C LEU A 64 -18.97 11.96 8.11
N HIS A 6 13.22 -2.00 2.44
CA HIS A 6 12.36 -2.85 1.57
C HIS A 6 12.99 -4.22 1.34
N HIS A 7 13.00 -5.03 2.40
CA HIS A 7 13.57 -6.37 2.32
C HIS A 7 12.48 -7.43 2.31
N GLY A 8 12.27 -8.03 1.14
CA GLY A 8 11.25 -9.07 1.02
C GLY A 8 10.23 -8.73 -0.05
N SER A 9 9.47 -7.67 0.17
CA SER A 9 8.44 -7.24 -0.78
C SER A 9 8.84 -5.95 -1.47
N GLY A 10 9.33 -6.06 -2.70
CA GLY A 10 9.73 -4.89 -3.45
C GLY A 10 10.44 -5.24 -4.76
N THR A 11 9.65 -5.59 -5.77
CA THR A 11 10.19 -5.95 -7.07
C THR A 11 10.21 -4.75 -8.01
N ASN A 12 11.38 -4.17 -8.21
CA ASN A 12 11.53 -3.01 -9.08
C ASN A 12 12.44 -3.33 -10.26
N VAL A 13 11.86 -3.41 -11.46
CA VAL A 13 12.61 -3.70 -12.66
C VAL A 13 12.09 -2.90 -13.85
N ASP A 14 13.01 -2.43 -14.69
CA ASP A 14 12.65 -1.65 -15.87
C ASP A 14 11.83 -0.42 -15.48
N LEU A 15 12.53 0.70 -15.28
CA LEU A 15 11.88 1.94 -14.90
C LEU A 15 11.56 2.80 -16.12
N GLY A 16 12.31 2.56 -17.20
CA GLY A 16 12.09 3.32 -18.43
C GLY A 16 13.37 3.54 -19.20
N THR A 17 13.90 4.76 -19.14
CA THR A 17 15.14 5.10 -19.84
C THR A 17 16.10 5.83 -18.92
N LEU A 18 15.61 6.89 -18.27
CA LEU A 18 16.43 7.68 -17.36
C LEU A 18 15.84 7.68 -15.96
N GLU A 19 14.71 8.37 -15.80
CA GLU A 19 14.04 8.44 -14.51
C GLU A 19 12.54 8.14 -14.65
N GLY A 20 11.96 7.54 -13.61
CA GLY A 20 10.55 7.21 -13.65
C GLY A 20 10.19 6.17 -12.60
N ASP A 21 9.22 6.49 -11.76
CA ASP A 21 8.78 5.58 -10.71
C ASP A 21 7.65 4.68 -11.21
N GLY A 22 6.56 5.30 -11.65
CA GLY A 22 5.42 4.56 -12.13
C GLY A 22 4.48 5.40 -12.98
N MET A 23 3.18 5.21 -12.77
CA MET A 23 2.17 5.96 -13.52
C MET A 23 2.27 7.46 -13.22
N ASN A 24 2.53 8.26 -14.25
CA ASN A 24 2.64 9.69 -14.10
C ASN A 24 2.46 10.40 -15.44
N ILE A 25 2.26 9.62 -16.49
CA ILE A 25 2.07 10.17 -17.83
C ILE A 25 1.08 9.33 -18.64
N GLU A 26 1.05 8.03 -18.36
CA GLU A 26 0.14 7.13 -19.06
C GLU A 26 -1.25 7.16 -18.44
N GLY A 27 -2.17 7.83 -19.14
CA GLY A 27 -3.54 7.94 -18.65
C GLY A 27 -4.56 7.44 -19.66
N GLU A 28 -4.71 6.12 -19.74
CA GLU A 28 -5.66 5.52 -20.67
C GLU A 28 -5.95 4.07 -20.28
N GLU A 29 -5.57 3.70 -19.06
CA GLU A 29 -5.78 2.35 -18.57
C GLU A 29 -6.57 2.36 -17.25
N LEU A 30 -7.58 3.21 -17.19
CA LEU A 30 -8.41 3.33 -15.99
C LEU A 30 -9.24 2.06 -15.77
N MET A 31 -9.16 1.14 -16.73
CA MET A 31 -9.90 -0.12 -16.64
C MET A 31 -9.49 -0.89 -15.40
N PRO A 32 -10.47 -1.44 -14.64
CA PRO A 32 -10.19 -2.20 -13.41
C PRO A 32 -9.33 -3.43 -13.67
N SER A 33 -8.07 -3.37 -13.26
CA SER A 33 -7.14 -4.47 -13.43
C SER A 33 -7.42 -5.58 -12.41
N LEU A 34 -8.03 -6.66 -12.88
CA LEU A 34 -8.37 -7.79 -12.00
C LEU A 34 -7.32 -8.88 -12.10
N GLN A 35 -6.79 -9.30 -10.95
CA GLN A 35 -5.78 -10.35 -10.91
C GLN A 35 -6.36 -11.63 -10.33
N GLU A 36 -5.49 -12.58 -10.00
CA GLU A 36 -5.92 -13.86 -9.43
C GLU A 36 -6.20 -13.73 -7.94
N ALA A 37 -5.18 -13.36 -7.18
CA ALA A 37 -5.32 -13.20 -5.74
C ALA A 37 -5.01 -11.76 -5.31
N LEU A 38 -6.05 -10.93 -5.26
CA LEU A 38 -5.89 -9.53 -4.87
C LEU A 38 -6.90 -9.15 -3.80
N SER A 39 -6.46 -9.16 -2.54
CA SER A 39 -7.32 -8.81 -1.42
C SER A 39 -6.50 -8.46 -0.19
N SER A 40 -6.97 -7.49 0.57
CA SER A 40 -6.29 -7.05 1.79
C SER A 40 -7.27 -6.46 2.79
N ASP A 41 -7.10 -6.83 4.05
CA ASP A 41 -7.99 -6.34 5.11
C ASP A 41 -7.20 -5.58 6.18
N ILE A 42 -6.93 -4.30 5.90
CA ILE A 42 -6.18 -3.48 6.84
C ILE A 42 -6.48 -1.99 6.61
N LEU A 43 -6.65 -1.25 7.70
CA LEU A 43 -6.95 0.17 7.62
C LEU A 43 -6.75 0.83 8.98
N ASN A 44 -5.81 1.78 9.05
CA ASN A 44 -5.53 2.49 10.29
C ASN A 44 -5.17 1.51 11.41
N ASP A 45 -4.47 0.45 11.06
CA ASP A 45 -4.05 -0.56 12.03
C ASP A 45 -3.00 -0.01 12.97
N MET A 46 -2.41 1.11 12.60
CA MET A 46 -1.39 1.73 13.44
C MET A 46 -2.06 2.55 14.54
N GLU A 47 -3.06 3.33 14.16
CA GLU A 47 -3.79 4.15 15.12
C GLU A 47 -4.39 3.23 16.17
N SER A 48 -4.69 2.01 15.74
CA SER A 48 -5.25 1.01 16.62
C SER A 48 -4.15 0.19 17.28
N VAL A 49 -2.99 0.12 16.64
CA VAL A 49 -1.86 -0.64 17.18
C VAL A 49 -1.51 -0.16 18.59
N LEU A 50 -1.90 1.08 18.90
CA LEU A 50 -1.64 1.65 20.22
C LEU A 50 -2.53 1.02 21.28
N ALA A 51 -3.80 0.85 20.94
CA ALA A 51 -4.76 0.24 21.86
C ALA A 51 -4.68 -1.27 21.82
N ALA A 52 -3.56 -1.82 22.29
CA ALA A 52 -3.36 -3.26 22.31
C ALA A 52 -2.40 -3.65 23.43
N THR A 53 -2.26 -2.78 24.41
CA THR A 53 -1.38 -3.03 25.55
C THR A 53 -2.08 -2.72 26.86
N LYS A 54 -2.88 -1.65 26.86
CA LYS A 54 -3.61 -1.23 28.05
C LYS A 54 -5.06 -1.69 27.98
N LEU A 55 -5.79 -1.20 26.98
CA LEU A 55 -7.19 -1.56 26.79
C LEU A 55 -8.02 -1.20 28.02
N ASP A 56 -8.69 -0.05 27.96
CA ASP A 56 -9.52 0.42 29.05
C ASP A 56 -10.96 -0.03 28.86
N LYS A 57 -11.56 0.37 27.75
CA LYS A 57 -12.94 0.01 27.44
C LYS A 57 -13.23 0.13 25.94
N GLU A 58 -12.40 0.91 25.25
CA GLU A 58 -12.56 1.10 23.81
C GLU A 58 -12.20 -0.16 23.05
N SER A 59 -13.23 -0.83 22.51
CA SER A 59 -13.02 -2.06 21.75
C SER A 59 -14.08 -2.22 20.68
N PHE A 60 -13.94 -1.47 19.60
CA PHE A 60 -14.88 -1.53 18.49
C PHE A 60 -14.23 -2.11 17.24
N LEU A 61 -14.80 -3.20 16.72
CA LEU A 61 -14.28 -3.86 15.53
C LEU A 61 -15.07 -3.46 14.29
N THR A 62 -14.37 -3.31 13.18
CA THR A 62 -15.02 -2.92 11.92
C THR A 62 -15.46 -4.15 11.13
N TRP A 63 -16.59 -4.02 10.43
CA TRP A 63 -17.13 -5.11 9.64
C TRP A 63 -16.88 -4.88 8.14
N LEU A 64 -15.72 -5.34 7.67
CA LEU A 64 -15.36 -5.18 6.26
C LEU A 64 -15.44 -3.72 5.83
N HIS A 6 33.50 10.40 -3.95
CA HIS A 6 34.71 10.59 -4.79
C HIS A 6 35.88 11.11 -3.96
N HIS A 7 35.62 12.11 -3.14
CA HIS A 7 36.64 12.70 -2.29
C HIS A 7 36.60 12.10 -0.88
N GLY A 8 35.85 11.01 -0.74
CA GLY A 8 35.73 10.36 0.55
C GLY A 8 34.60 9.35 0.60
N SER A 9 34.13 9.05 1.81
CA SER A 9 33.04 8.11 1.99
C SER A 9 32.11 8.56 3.11
N GLY A 10 30.80 8.42 2.89
CA GLY A 10 29.84 8.82 3.90
C GLY A 10 28.43 8.46 3.52
N THR A 11 27.69 9.44 2.99
CA THR A 11 26.30 9.22 2.58
C THR A 11 25.95 10.07 1.37
N ASN A 12 25.23 9.48 0.43
CA ASN A 12 24.81 10.18 -0.78
C ASN A 12 23.79 9.36 -1.56
N VAL A 13 22.57 9.88 -1.64
CA VAL A 13 21.49 9.20 -2.35
C VAL A 13 21.56 9.47 -3.85
N ASP A 14 21.63 8.41 -4.64
CA ASP A 14 21.71 8.53 -6.09
C ASP A 14 21.40 7.20 -6.77
N LEU A 15 21.69 6.11 -6.08
CA LEU A 15 21.45 4.77 -6.62
C LEU A 15 19.98 4.41 -6.51
N GLY A 16 19.59 3.34 -7.21
CA GLY A 16 18.20 2.91 -7.19
C GLY A 16 18.05 1.42 -7.44
N THR A 17 16.82 0.92 -7.37
CA THR A 17 16.55 -0.49 -7.60
C THR A 17 15.31 -0.67 -8.45
N LEU A 18 15.40 -0.31 -9.73
CA LEU A 18 14.29 -0.43 -10.66
C LEU A 18 13.06 0.31 -10.15
N GLU A 19 12.96 1.59 -10.51
CA GLU A 19 11.84 2.41 -10.09
C GLU A 19 10.52 1.85 -10.61
N GLY A 20 9.66 1.41 -9.69
CA GLY A 20 8.38 0.85 -10.07
C GLY A 20 7.79 -0.04 -9.00
N ASP A 21 8.29 0.11 -7.77
CA ASP A 21 7.81 -0.68 -6.66
C ASP A 21 6.46 -0.17 -6.17
N GLY A 22 5.99 0.91 -6.79
CA GLY A 22 4.71 1.49 -6.41
C GLY A 22 3.55 0.55 -6.68
N MET A 23 3.62 -0.16 -7.80
CA MET A 23 2.57 -1.11 -8.18
C MET A 23 1.21 -0.41 -8.22
N ASN A 24 1.04 0.49 -9.18
CA ASN A 24 -0.21 1.22 -9.32
C ASN A 24 -0.79 1.06 -10.73
N ILE A 25 -0.24 0.11 -11.48
CA ILE A 25 -0.71 -0.16 -12.83
C ILE A 25 -1.46 -1.49 -12.89
N GLU A 26 -0.84 -2.53 -12.36
CA GLU A 26 -1.44 -3.86 -12.35
C GLU A 26 -2.59 -3.93 -11.36
N GLY A 27 -3.20 -5.11 -11.23
CA GLY A 27 -4.30 -5.29 -10.32
C GLY A 27 -5.65 -5.23 -11.01
N GLU A 28 -6.58 -6.07 -10.56
CA GLU A 28 -7.92 -6.10 -11.14
C GLU A 28 -8.99 -5.88 -10.07
N GLU A 29 -9.88 -4.92 -10.31
CA GLU A 29 -10.95 -4.62 -9.38
C GLU A 29 -12.29 -4.47 -10.09
N LEU A 30 -12.45 -5.21 -11.18
CA LEU A 30 -13.69 -5.17 -11.96
C LEU A 30 -14.67 -6.22 -11.46
N MET A 31 -15.06 -6.10 -10.20
CA MET A 31 -15.99 -7.04 -9.59
C MET A 31 -17.44 -6.61 -9.85
N PRO A 32 -18.36 -7.58 -10.07
CA PRO A 32 -19.77 -7.28 -10.33
C PRO A 32 -20.44 -6.61 -9.14
N SER A 33 -20.54 -5.28 -9.19
CA SER A 33 -21.17 -4.51 -8.13
C SER A 33 -21.99 -3.36 -8.68
N LEU A 34 -23.30 -3.42 -8.49
CA LEU A 34 -24.19 -2.38 -8.97
C LEU A 34 -24.67 -1.49 -7.82
N GLN A 35 -24.47 -1.98 -6.60
CA GLN A 35 -24.88 -1.23 -5.41
C GLN A 35 -23.68 -0.53 -4.78
N GLU A 36 -23.60 0.79 -4.99
CA GLU A 36 -22.50 1.58 -4.44
C GLU A 36 -22.84 2.06 -3.03
N ALA A 37 -23.84 1.45 -2.41
CA ALA A 37 -24.26 1.82 -1.07
C ALA A 37 -24.60 0.60 -0.24
N LEU A 38 -23.61 0.08 0.48
CA LEU A 38 -23.80 -1.09 1.32
C LEU A 38 -23.66 -0.73 2.80
N SER A 39 -24.65 -1.12 3.59
CA SER A 39 -24.63 -0.84 5.02
C SER A 39 -24.07 -2.02 5.81
N SER A 40 -22.77 -2.23 5.71
CA SER A 40 -22.11 -3.32 6.41
C SER A 40 -21.53 -2.84 7.74
N ASP A 41 -22.01 -3.43 8.84
CA ASP A 41 -21.54 -3.06 10.17
C ASP A 41 -20.63 -4.14 10.74
N ILE A 42 -19.97 -4.88 9.86
CA ILE A 42 -19.06 -5.95 10.28
C ILE A 42 -17.68 -5.78 9.66
N LEU A 43 -17.44 -4.61 9.08
CA LEU A 43 -16.16 -4.32 8.46
C LEU A 43 -15.31 -3.41 9.34
N ASN A 44 -14.03 -3.74 9.46
CA ASN A 44 -13.10 -2.95 10.27
C ASN A 44 -12.22 -2.08 9.38
N ASP A 45 -12.17 -0.78 9.70
CA ASP A 45 -11.37 0.16 8.93
C ASP A 45 -9.97 0.28 9.51
N MET A 46 -9.75 -0.34 10.66
CA MET A 46 -8.44 -0.31 11.29
C MET A 46 -7.48 -1.23 10.55
N GLU A 47 -7.91 -2.48 10.35
CA GLU A 47 -7.09 -3.44 9.64
C GLU A 47 -6.71 -2.87 8.28
N SER A 48 -7.57 -1.99 7.79
CA SER A 48 -7.36 -1.33 6.51
C SER A 48 -6.57 -0.05 6.70
N VAL A 49 -6.71 0.60 7.86
CA VAL A 49 -6.00 1.85 8.13
C VAL A 49 -4.52 1.59 8.39
N LEU A 50 -4.19 0.35 8.75
CA LEU A 50 -2.81 -0.02 9.03
C LEU A 50 -2.08 -0.41 7.76
N ALA A 51 -2.85 -0.72 6.72
CA ALA A 51 -2.28 -1.11 5.43
C ALA A 51 -1.95 0.11 4.58
N ALA A 52 -0.96 0.88 5.03
CA ALA A 52 -0.54 2.08 4.31
C ALA A 52 0.49 1.74 3.23
N THR A 53 0.50 2.54 2.17
CA THR A 53 1.44 2.34 1.07
C THR A 53 2.26 3.59 0.81
N LYS A 54 2.33 4.46 1.82
CA LYS A 54 3.08 5.71 1.70
C LYS A 54 4.57 5.43 1.45
N LEU A 55 5.23 4.85 2.44
CA LEU A 55 6.65 4.53 2.33
C LEU A 55 6.95 3.18 2.98
N ASP A 56 6.98 3.16 4.31
CA ASP A 56 7.25 1.93 5.05
C ASP A 56 8.56 1.28 4.58
N LYS A 57 9.66 2.00 4.80
CA LYS A 57 10.98 1.50 4.40
C LYS A 57 11.45 0.38 5.33
N GLU A 58 11.09 0.49 6.60
CA GLU A 58 11.46 -0.51 7.59
C GLU A 58 10.35 -1.54 7.78
N SER A 59 10.63 -2.77 7.36
CA SER A 59 9.66 -3.86 7.48
C SER A 59 10.37 -5.18 7.74
N PHE A 60 11.67 -5.22 7.45
CA PHE A 60 12.46 -6.43 7.65
C PHE A 60 12.48 -6.83 9.12
N LEU A 61 12.79 -5.85 9.99
CA LEU A 61 12.84 -6.10 11.42
C LEU A 61 11.49 -5.82 12.08
N THR A 62 10.93 -6.83 12.72
CA THR A 62 9.63 -6.70 13.40
C THR A 62 9.62 -7.46 14.71
N TRP A 63 10.78 -7.99 15.10
CA TRP A 63 10.90 -8.74 16.34
C TRP A 63 11.08 -7.79 17.52
N LEU A 64 11.64 -6.62 17.25
CA LEU A 64 11.86 -5.62 18.29
C LEU A 64 10.86 -4.48 18.18
N HIS A 6 10.05 -10.97 -6.87
CA HIS A 6 10.27 -9.90 -7.87
C HIS A 6 9.06 -8.98 -7.95
N HIS A 7 9.18 -7.81 -7.31
CA HIS A 7 8.10 -6.82 -7.30
C HIS A 7 6.81 -7.42 -6.75
N GLY A 8 6.69 -7.42 -5.43
CA GLY A 8 5.51 -7.96 -4.79
C GLY A 8 5.44 -7.64 -3.31
N SER A 9 6.44 -8.08 -2.57
CA SER A 9 6.50 -7.83 -1.13
C SER A 9 7.65 -6.89 -0.78
N GLY A 10 8.11 -6.13 -1.76
CA GLY A 10 9.20 -5.21 -1.54
C GLY A 10 9.24 -4.11 -2.58
N THR A 11 10.03 -3.07 -2.30
CA THR A 11 10.16 -1.94 -3.21
C THR A 11 11.59 -1.39 -3.21
N ASN A 12 12.30 -1.62 -2.11
CA ASN A 12 13.67 -1.16 -1.97
C ASN A 12 14.66 -2.18 -2.52
N VAL A 13 15.93 -1.80 -2.57
CA VAL A 13 16.98 -2.69 -3.08
C VAL A 13 16.67 -3.16 -4.50
N ASP A 14 17.13 -2.40 -5.48
CA ASP A 14 16.91 -2.74 -6.88
C ASP A 14 18.16 -2.48 -7.71
N LEU A 15 18.54 -1.20 -7.82
CA LEU A 15 19.72 -0.83 -8.58
C LEU A 15 20.29 0.51 -8.09
N GLY A 16 19.56 1.59 -8.36
CA GLY A 16 20.01 2.91 -7.94
C GLY A 16 18.91 3.70 -7.27
N THR A 17 18.80 4.98 -7.64
CA THR A 17 17.79 5.85 -7.05
C THR A 17 16.50 5.81 -7.86
N LEU A 18 16.60 6.08 -9.16
CA LEU A 18 15.44 6.08 -10.05
C LEU A 18 14.37 7.03 -9.55
N GLU A 19 14.55 8.32 -9.86
CA GLU A 19 13.61 9.35 -9.44
C GLU A 19 12.59 9.62 -10.54
N GLY A 20 11.32 9.37 -10.22
CA GLY A 20 10.25 9.59 -11.19
C GLY A 20 9.09 10.35 -10.59
N ASP A 21 9.23 11.67 -10.49
CA ASP A 21 8.18 12.51 -9.93
C ASP A 21 7.07 12.75 -10.96
N GLY A 22 7.40 12.53 -12.23
CA GLY A 22 6.43 12.73 -13.29
C GLY A 22 5.70 11.45 -13.67
N MET A 23 5.96 10.38 -12.92
CA MET A 23 5.32 9.10 -13.20
C MET A 23 5.37 8.20 -11.97
N ASN A 24 4.23 8.07 -11.29
CA ASN A 24 4.14 7.23 -10.10
C ASN A 24 2.88 6.37 -10.14
N ILE A 25 1.74 7.02 -10.01
CA ILE A 25 0.45 6.33 -10.04
C ILE A 25 -0.52 6.97 -11.02
N GLU A 26 0.03 7.50 -12.12
CA GLU A 26 -0.78 8.15 -13.14
C GLU A 26 -1.66 7.15 -13.86
N GLY A 27 -1.43 5.86 -13.60
CA GLY A 27 -2.20 4.82 -14.24
C GLY A 27 -3.40 4.39 -13.41
N GLU A 28 -4.58 4.86 -13.80
CA GLU A 28 -5.80 4.53 -13.09
C GLU A 28 -6.44 3.26 -13.64
N GLU A 29 -6.94 2.41 -12.75
CA GLU A 29 -7.58 1.17 -13.16
C GLU A 29 -9.03 1.12 -12.68
N LEU A 30 -9.91 0.61 -13.54
CA LEU A 30 -11.32 0.51 -13.19
C LEU A 30 -11.86 -0.87 -13.56
N MET A 31 -11.04 -1.90 -13.34
CA MET A 31 -11.43 -3.27 -13.65
C MET A 31 -12.26 -3.87 -12.50
N PRO A 32 -13.24 -4.73 -12.84
CA PRO A 32 -14.08 -5.38 -11.83
C PRO A 32 -13.34 -6.46 -11.04
N SER A 33 -12.54 -6.02 -10.07
CA SER A 33 -11.77 -6.94 -9.25
C SER A 33 -12.62 -7.50 -8.10
N LEU A 34 -13.77 -6.87 -7.87
CA LEU A 34 -14.67 -7.29 -6.80
C LEU A 34 -16.01 -7.74 -7.38
N GLN A 35 -16.41 -8.96 -7.03
CA GLN A 35 -17.67 -9.52 -7.51
C GLN A 35 -18.76 -9.38 -6.45
N GLU A 36 -18.54 -9.99 -5.29
CA GLU A 36 -19.51 -9.94 -4.19
C GLU A 36 -18.89 -10.42 -2.88
N ALA A 37 -17.90 -11.31 -2.99
CA ALA A 37 -17.22 -11.84 -1.82
C ALA A 37 -15.81 -11.28 -1.70
N LEU A 38 -15.12 -11.65 -0.62
CA LEU A 38 -13.75 -11.20 -0.39
C LEU A 38 -12.94 -12.26 0.35
N SER A 39 -11.62 -12.19 0.21
CA SER A 39 -10.73 -13.14 0.86
C SER A 39 -9.31 -12.58 0.95
N SER A 40 -9.00 -11.62 0.09
CA SER A 40 -7.68 -11.00 0.07
C SER A 40 -7.43 -10.19 1.33
N ASP A 41 -8.43 -9.41 1.73
CA ASP A 41 -8.32 -8.57 2.93
C ASP A 41 -8.22 -9.42 4.18
N ILE A 42 -7.17 -9.18 4.98
CA ILE A 42 -6.95 -9.92 6.21
C ILE A 42 -6.98 -9.00 7.42
N LEU A 43 -6.44 -7.80 7.25
CA LEU A 43 -6.40 -6.81 8.33
C LEU A 43 -7.20 -5.57 7.97
N ASN A 44 -8.30 -5.35 8.67
CA ASN A 44 -9.17 -4.21 8.42
C ASN A 44 -8.45 -2.90 8.75
N ASP A 45 -7.76 -2.34 7.76
CA ASP A 45 -7.03 -1.09 7.96
C ASP A 45 -7.89 0.11 7.59
N MET A 46 -9.05 -0.17 7.00
CA MET A 46 -9.97 0.90 6.63
C MET A 46 -10.75 1.38 7.84
N GLU A 47 -11.31 0.43 8.59
CA GLU A 47 -12.07 0.77 9.78
C GLU A 47 -11.19 1.61 10.70
N SER A 48 -9.89 1.33 10.65
CA SER A 48 -8.91 2.05 11.45
C SER A 48 -8.39 3.27 10.69
N VAL A 49 -8.47 3.22 9.36
CA VAL A 49 -8.01 4.34 8.54
C VAL A 49 -8.68 5.65 8.94
N LEU A 50 -9.89 5.56 9.49
CA LEU A 50 -10.63 6.73 9.92
C LEU A 50 -10.07 7.27 11.24
N ALA A 51 -9.58 6.36 12.07
CA ALA A 51 -9.01 6.73 13.36
C ALA A 51 -7.52 7.06 13.24
N ALA A 52 -7.08 7.29 12.00
CA ALA A 52 -5.68 7.60 11.73
C ALA A 52 -4.76 6.46 12.16
N THR A 53 -3.50 6.54 11.74
CA THR A 53 -2.52 5.52 12.08
C THR A 53 -1.36 6.10 12.88
N LYS A 54 -1.26 5.70 14.15
CA LYS A 54 -0.21 6.19 15.02
C LYS A 54 0.45 5.04 15.79
N LEU A 55 0.37 3.84 15.21
CA LEU A 55 0.95 2.66 15.83
C LEU A 55 1.16 1.55 14.80
N ASP A 56 2.41 1.19 14.56
CA ASP A 56 2.74 0.15 13.60
C ASP A 56 3.97 -0.64 14.04
N LYS A 57 4.55 -0.24 15.17
CA LYS A 57 5.73 -0.89 15.69
C LYS A 57 5.38 -1.80 16.86
N GLU A 58 5.39 -3.11 16.62
CA GLU A 58 5.06 -4.09 17.65
C GLU A 58 6.33 -4.79 18.14
N SER A 59 7.22 -5.12 17.22
CA SER A 59 8.47 -5.78 17.56
C SER A 59 9.56 -5.44 16.56
N PHE A 60 9.58 -4.18 16.12
CA PHE A 60 10.58 -3.72 15.15
C PHE A 60 10.50 -4.55 13.87
N LEU A 61 9.29 -4.74 13.37
CA LEU A 61 9.07 -5.51 12.14
C LEU A 61 9.63 -6.93 12.29
N THR A 62 8.79 -7.84 12.79
CA THR A 62 9.20 -9.22 12.98
C THR A 62 9.52 -9.89 11.64
N TRP A 63 10.31 -10.96 11.68
CA TRP A 63 10.68 -11.68 10.47
C TRP A 63 11.09 -13.11 10.81
N LEU A 64 10.46 -14.08 10.15
CA LEU A 64 10.75 -15.48 10.39
C LEU A 64 10.37 -16.33 9.17
N HIS A 6 30.44 3.19 -23.77
CA HIS A 6 29.30 3.48 -22.86
C HIS A 6 29.26 4.96 -22.51
N HIS A 7 29.86 5.78 -23.37
CA HIS A 7 29.89 7.23 -23.14
C HIS A 7 30.23 7.96 -24.43
N GLY A 8 31.43 7.71 -24.95
CA GLY A 8 31.87 8.37 -26.18
C GLY A 8 31.19 7.79 -27.41
N SER A 9 31.29 8.51 -28.52
CA SER A 9 30.69 8.08 -29.78
C SER A 9 31.67 7.20 -30.56
N GLY A 10 31.13 6.37 -31.44
CA GLY A 10 31.97 5.49 -32.23
C GLY A 10 31.26 4.93 -33.45
N THR A 11 31.75 5.29 -34.63
CA THR A 11 31.17 4.82 -35.89
C THR A 11 29.72 5.28 -36.04
N ASN A 12 28.79 4.49 -35.51
CA ASN A 12 27.37 4.81 -35.59
C ASN A 12 26.70 4.72 -34.22
N VAL A 13 25.83 5.68 -33.93
CA VAL A 13 25.11 5.71 -32.66
C VAL A 13 23.69 5.21 -32.82
N ASP A 14 23.02 4.99 -31.69
CA ASP A 14 21.64 4.51 -31.71
C ASP A 14 20.75 5.34 -30.78
N LEU A 15 19.61 5.77 -31.29
CA LEU A 15 18.67 6.57 -30.51
C LEU A 15 17.65 5.69 -29.81
N GLY A 16 18.06 5.11 -28.69
CA GLY A 16 17.18 4.24 -27.92
C GLY A 16 17.25 4.51 -26.44
N THR A 17 16.09 4.47 -25.77
CA THR A 17 16.03 4.70 -24.34
C THR A 17 14.85 3.96 -23.71
N LEU A 18 13.64 4.43 -24.00
CA LEU A 18 12.44 3.81 -23.46
C LEU A 18 12.17 2.46 -24.12
N GLU A 19 12.08 1.42 -23.31
CA GLU A 19 11.83 0.08 -23.83
C GLU A 19 10.34 -0.12 -24.09
N GLY A 20 9.55 0.88 -23.76
CA GLY A 20 8.12 0.80 -23.97
C GLY A 20 7.34 1.64 -22.98
N ASP A 21 6.01 1.62 -23.09
CA ASP A 21 5.15 2.38 -22.19
C ASP A 21 5.22 1.83 -20.77
N GLY A 22 4.88 2.67 -19.80
CA GLY A 22 4.92 2.24 -18.41
C GLY A 22 4.15 3.20 -17.50
N MET A 23 3.72 2.68 -16.35
CA MET A 23 2.98 3.50 -15.38
C MET A 23 3.91 4.45 -14.65
N ASN A 24 4.64 3.91 -13.67
CA ASN A 24 5.57 4.71 -12.87
C ASN A 24 4.86 5.89 -12.23
N ILE A 25 3.59 5.68 -11.87
CA ILE A 25 2.80 6.72 -11.23
C ILE A 25 1.53 6.15 -10.59
N GLU A 26 0.92 5.17 -11.26
CA GLU A 26 -0.29 4.54 -10.76
C GLU A 26 0.02 3.62 -9.60
N GLY A 27 1.30 3.35 -9.39
CA GLY A 27 1.71 2.47 -8.31
C GLY A 27 2.66 1.38 -8.77
N GLU A 28 3.76 1.21 -8.04
CA GLU A 28 4.75 0.18 -8.38
C GLU A 28 4.33 -1.18 -7.83
N GLU A 29 3.79 -1.19 -6.62
CA GLU A 29 3.36 -2.44 -5.99
C GLU A 29 2.10 -2.97 -6.65
N LEU A 30 2.12 -4.26 -6.99
CA LEU A 30 0.97 -4.90 -7.63
C LEU A 30 0.25 -5.83 -6.65
N MET A 31 0.88 -6.11 -5.52
CA MET A 31 0.31 -6.97 -4.50
C MET A 31 -0.84 -6.26 -3.78
N PRO A 32 -1.83 -7.04 -3.29
CA PRO A 32 -2.99 -6.47 -2.58
C PRO A 32 -2.69 -6.20 -1.11
N SER A 33 -1.48 -5.70 -0.85
CA SER A 33 -1.07 -5.39 0.51
C SER A 33 -1.54 -4.01 0.93
N LEU A 34 -0.88 -2.97 0.41
CA LEU A 34 -1.23 -1.60 0.72
C LEU A 34 -1.27 -1.37 2.23
N GLN A 35 -0.33 -1.98 2.93
CA GLN A 35 -0.25 -1.84 4.39
C GLN A 35 1.11 -2.29 4.90
N GLU A 36 1.84 -1.36 5.52
CA GLU A 36 3.16 -1.65 6.06
C GLU A 36 3.30 -1.10 7.47
N ALA A 37 2.51 -0.07 7.77
CA ALA A 37 2.55 0.56 9.09
C ALA A 37 1.24 1.30 9.38
N LEU A 38 0.81 2.12 8.42
CA LEU A 38 -0.42 2.88 8.57
C LEU A 38 -1.42 2.52 7.47
N SER A 39 -2.69 2.44 7.85
CA SER A 39 -3.75 2.10 6.90
C SER A 39 -4.74 3.26 6.75
N SER A 40 -5.48 3.26 5.65
CA SER A 40 -6.46 4.30 5.38
C SER A 40 -7.77 3.68 4.88
N ASP A 41 -7.92 2.39 5.07
CA ASP A 41 -9.11 1.67 4.65
C ASP A 41 -10.21 1.75 5.70
N ILE A 42 -11.44 1.96 5.26
CA ILE A 42 -12.57 2.05 6.16
C ILE A 42 -13.43 0.80 6.10
N LEU A 43 -13.07 -0.12 5.21
CA LEU A 43 -13.82 -1.37 5.05
C LEU A 43 -13.31 -2.44 6.03
N ASN A 44 -12.94 -2.00 7.24
CA ASN A 44 -12.45 -2.91 8.25
C ASN A 44 -13.13 -2.66 9.59
N ASP A 45 -13.82 -3.68 10.10
CA ASP A 45 -14.53 -3.57 11.38
C ASP A 45 -13.64 -4.00 12.53
N MET A 46 -12.52 -4.64 12.23
CA MET A 46 -11.60 -5.07 13.28
C MET A 46 -10.97 -3.87 13.94
N GLU A 47 -10.43 -2.96 13.13
CA GLU A 47 -9.80 -1.76 13.65
C GLU A 47 -10.83 -1.00 14.50
N SER A 48 -12.09 -1.24 14.20
CA SER A 48 -13.18 -0.63 14.94
C SER A 48 -13.56 -1.49 16.14
N VAL A 49 -13.36 -2.80 16.01
CA VAL A 49 -13.67 -3.72 17.10
C VAL A 49 -12.75 -3.47 18.29
N LEU A 50 -11.47 -3.21 18.01
CA LEU A 50 -10.49 -2.96 19.06
C LEU A 50 -10.71 -1.58 19.68
N ALA A 51 -11.38 -0.70 18.96
CA ALA A 51 -11.66 0.65 19.44
C ALA A 51 -12.99 0.71 20.19
N ALA A 52 -13.60 -0.44 20.37
CA ALA A 52 -14.89 -0.52 21.08
C ALA A 52 -14.68 -0.77 22.57
N THR A 53 -14.76 0.31 23.35
CA THR A 53 -14.59 0.20 24.80
C THR A 53 -15.93 0.02 25.50
N LYS A 54 -16.12 -1.14 26.12
CA LYS A 54 -17.36 -1.44 26.83
C LYS A 54 -17.42 -0.74 28.18
N LEU A 55 -18.57 -0.16 28.50
CA LEU A 55 -18.76 0.54 29.76
C LEU A 55 -20.03 0.07 30.46
N ASP A 56 -20.69 -0.91 29.89
CA ASP A 56 -21.92 -1.45 30.47
C ASP A 56 -21.63 -2.63 31.39
N LYS A 57 -22.61 -2.99 32.21
CA LYS A 57 -22.45 -4.09 33.14
C LYS A 57 -23.72 -4.95 33.19
N GLU A 58 -24.44 -5.00 32.08
CA GLU A 58 -25.67 -5.77 31.99
C GLU A 58 -25.39 -7.17 31.44
N SER A 59 -24.14 -7.60 31.56
CA SER A 59 -23.73 -8.91 31.07
C SER A 59 -23.70 -9.93 32.20
N PHE A 60 -24.61 -10.89 32.15
CA PHE A 60 -24.69 -11.93 33.18
C PHE A 60 -24.83 -13.31 32.54
N LEU A 61 -24.71 -13.35 31.21
CA LEU A 61 -24.84 -14.60 30.48
C LEU A 61 -23.48 -15.09 30.00
N THR A 62 -22.43 -14.35 30.33
CA THR A 62 -21.08 -14.71 29.93
C THR A 62 -20.23 -15.14 31.13
N TRP A 63 -19.58 -16.28 31.01
CA TRP A 63 -18.75 -16.80 32.10
C TRP A 63 -17.69 -17.76 31.55
N LEU A 64 -16.56 -17.83 32.25
CA LEU A 64 -15.46 -18.70 31.84
C LEU A 64 -15.57 -20.06 32.54
N HIS A 6 30.90 7.33 -15.50
CA HIS A 6 30.03 6.86 -14.39
C HIS A 6 30.34 5.41 -14.03
N HIS A 7 31.19 4.77 -14.84
CA HIS A 7 31.57 3.38 -14.62
C HIS A 7 32.66 3.28 -13.56
N GLY A 8 33.37 4.39 -13.33
CA GLY A 8 34.43 4.41 -12.35
C GLY A 8 34.51 5.73 -11.61
N SER A 9 33.35 6.33 -11.36
CA SER A 9 33.29 7.61 -10.65
C SER A 9 33.01 7.39 -9.16
N GLY A 10 31.79 6.95 -8.86
CA GLY A 10 31.41 6.71 -7.48
C GLY A 10 30.80 5.35 -7.27
N THR A 11 30.25 5.12 -6.08
CA THR A 11 29.64 3.83 -5.75
C THR A 11 28.42 3.57 -6.64
N ASN A 12 27.48 4.51 -6.63
CA ASN A 12 26.27 4.38 -7.43
C ASN A 12 26.61 4.43 -8.92
N VAL A 13 26.67 3.25 -9.55
CA VAL A 13 26.99 3.16 -10.98
C VAL A 13 25.74 3.39 -11.83
N ASP A 14 25.97 3.84 -13.06
CA ASP A 14 24.87 4.10 -13.98
C ASP A 14 25.28 3.78 -15.41
N LEU A 15 24.45 3.02 -16.11
CA LEU A 15 24.72 2.64 -17.49
C LEU A 15 23.47 2.11 -18.18
N GLY A 16 22.37 2.06 -17.43
CA GLY A 16 21.12 1.57 -17.99
C GLY A 16 19.99 2.57 -17.86
N THR A 17 19.07 2.54 -18.81
CA THR A 17 17.93 3.45 -18.81
C THR A 17 16.62 2.69 -18.68
N LEU A 18 15.76 3.16 -17.77
CA LEU A 18 14.47 2.53 -17.56
C LEU A 18 13.48 2.95 -18.63
N GLU A 19 12.94 1.97 -19.35
CA GLU A 19 11.98 2.24 -20.41
C GLU A 19 10.55 2.03 -19.92
N GLY A 20 9.80 3.12 -19.85
CA GLY A 20 8.42 3.04 -19.39
C GLY A 20 8.26 3.39 -17.92
N ASP A 21 7.72 4.57 -17.65
CA ASP A 21 7.51 5.03 -16.28
C ASP A 21 6.18 4.54 -15.75
N GLY A 22 6.22 3.63 -14.79
CA GLY A 22 4.99 3.10 -14.20
C GLY A 22 5.27 1.95 -13.25
N MET A 23 4.37 1.74 -12.30
CA MET A 23 4.50 0.66 -11.32
C MET A 23 5.83 0.78 -10.58
N ASN A 24 5.85 1.61 -9.55
CA ASN A 24 7.04 1.82 -8.74
C ASN A 24 6.68 2.07 -7.28
N ILE A 25 5.45 2.55 -7.07
CA ILE A 25 4.95 2.82 -5.73
C ILE A 25 3.53 2.30 -5.56
N GLU A 26 3.12 1.42 -6.46
CA GLU A 26 1.78 0.86 -6.42
C GLU A 26 0.72 1.94 -6.46
N GLY A 27 -0.54 1.55 -6.27
CA GLY A 27 -1.62 2.51 -6.28
C GLY A 27 -2.25 2.65 -7.66
N GLU A 28 -2.75 3.84 -7.97
CA GLU A 28 -3.40 4.10 -9.26
C GLU A 28 -4.54 3.13 -9.49
N GLU A 29 -5.20 2.72 -8.41
CA GLU A 29 -6.31 1.79 -8.49
C GLU A 29 -7.60 2.49 -8.90
N LEU A 30 -8.37 1.87 -9.78
CA LEU A 30 -9.63 2.44 -10.25
C LEU A 30 -10.78 2.03 -9.35
N MET A 31 -10.55 1.00 -8.54
CA MET A 31 -11.58 0.50 -7.62
C MET A 31 -11.96 1.58 -6.60
N PRO A 32 -13.25 1.96 -6.56
CA PRO A 32 -13.74 2.98 -5.62
C PRO A 32 -13.48 2.60 -4.16
N SER A 33 -13.27 3.60 -3.33
CA SER A 33 -13.01 3.38 -1.90
C SER A 33 -14.30 3.05 -1.16
N LEU A 34 -14.27 1.97 -0.38
CA LEU A 34 -15.44 1.54 0.39
C LEU A 34 -16.60 1.14 -0.52
N GLN A 35 -17.50 0.32 0.00
CA GLN A 35 -18.66 -0.14 -0.74
C GLN A 35 -18.24 -0.89 -2.01
N GLU A 36 -19.22 -1.36 -2.77
CA GLU A 36 -18.97 -2.09 -4.01
C GLU A 36 -18.05 -3.29 -3.75
N ALA A 37 -18.20 -3.90 -2.59
CA ALA A 37 -17.39 -5.05 -2.21
C ALA A 37 -18.13 -5.96 -1.25
N LEU A 38 -18.68 -7.05 -1.78
CA LEU A 38 -19.42 -8.01 -0.97
C LEU A 38 -18.48 -9.02 -0.31
N SER A 39 -18.53 -9.09 1.01
CA SER A 39 -17.68 -10.01 1.77
C SER A 39 -18.44 -10.59 2.96
N SER A 40 -18.05 -11.80 3.36
CA SER A 40 -18.70 -12.47 4.49
C SER A 40 -17.82 -12.41 5.74
N ASP A 41 -18.35 -11.82 6.80
CA ASP A 41 -17.62 -11.70 8.05
C ASP A 41 -18.41 -12.31 9.21
N ILE A 42 -17.75 -13.15 10.00
CA ILE A 42 -18.39 -13.79 11.14
C ILE A 42 -17.73 -13.39 12.45
N LEU A 43 -16.45 -13.07 12.39
CA LEU A 43 -15.69 -12.67 13.57
C LEU A 43 -14.86 -11.42 13.29
N ASN A 44 -15.45 -10.25 13.55
CA ASN A 44 -14.77 -8.99 13.32
C ASN A 44 -14.57 -8.23 14.64
N ASP A 45 -14.88 -8.88 15.75
CA ASP A 45 -14.74 -8.28 17.07
C ASP A 45 -13.30 -7.89 17.34
N MET A 46 -12.38 -8.84 17.20
CA MET A 46 -10.97 -8.56 17.43
C MET A 46 -10.52 -7.40 16.57
N GLU A 47 -10.90 -7.40 15.29
CA GLU A 47 -10.53 -6.34 14.38
C GLU A 47 -10.95 -4.99 14.97
N SER A 48 -12.04 -5.04 15.74
CA SER A 48 -12.56 -3.85 16.39
C SER A 48 -11.91 -3.67 17.75
N VAL A 49 -11.52 -4.79 18.38
CA VAL A 49 -10.88 -4.75 19.69
C VAL A 49 -9.59 -3.95 19.64
N LEU A 50 -8.68 -4.36 18.77
CA LEU A 50 -7.39 -3.68 18.62
C LEU A 50 -7.54 -2.39 17.82
N ALA A 51 -8.62 -2.32 17.04
CA ALA A 51 -8.90 -1.15 16.21
C ALA A 51 -7.77 -0.90 15.21
N ALA A 52 -6.91 -1.90 15.04
CA ALA A 52 -5.79 -1.78 14.10
C ALA A 52 -5.98 -2.71 12.91
N THR A 53 -6.61 -2.17 11.85
CA THR A 53 -6.85 -2.95 10.65
C THR A 53 -6.46 -2.15 9.40
N LYS A 54 -6.36 -0.84 9.54
CA LYS A 54 -5.99 0.03 8.43
C LYS A 54 -4.90 1.02 8.86
N LEU A 55 -3.70 0.86 8.30
CA LEU A 55 -2.58 1.73 8.62
C LEU A 55 -2.45 2.85 7.59
N ASP A 56 -3.04 2.63 6.42
CA ASP A 56 -2.98 3.62 5.34
C ASP A 56 -4.19 4.54 5.39
N LYS A 57 -4.10 5.60 6.20
CA LYS A 57 -5.19 6.55 6.34
C LYS A 57 -4.65 7.97 6.45
N GLU A 58 -3.55 8.14 7.19
CA GLU A 58 -2.94 9.45 7.37
C GLU A 58 -1.65 9.57 6.57
N SER A 59 -1.72 10.31 5.46
CA SER A 59 -0.56 10.50 4.60
C SER A 59 0.17 11.79 4.97
N PHE A 60 -0.10 12.30 6.17
CA PHE A 60 0.54 13.53 6.64
C PHE A 60 2.04 13.34 6.79
N LEU A 61 2.43 12.16 7.26
CA LEU A 61 3.85 11.85 7.45
C LEU A 61 4.49 11.37 6.15
N THR A 62 5.65 11.94 5.83
CA THR A 62 6.37 11.58 4.62
C THR A 62 7.44 10.53 4.91
N TRP A 63 7.38 9.93 6.09
CA TRP A 63 8.34 8.91 6.49
C TRP A 63 7.64 7.71 7.09
N LEU A 64 6.50 7.95 7.75
CA LEU A 64 5.73 6.89 8.37
C LEU A 64 6.59 6.08 9.34
N HIS A 6 3.42 0.02 -24.97
CA HIS A 6 4.18 -0.76 -23.98
C HIS A 6 5.50 -1.26 -24.58
N HIS A 7 6.06 -0.46 -25.49
CA HIS A 7 7.32 -0.82 -26.14
C HIS A 7 8.49 -0.11 -25.47
N GLY A 8 8.30 0.29 -24.21
CA GLY A 8 9.36 0.99 -23.49
C GLY A 8 9.60 0.40 -22.11
N SER A 9 10.79 -0.15 -21.91
CA SER A 9 11.15 -0.76 -20.63
C SER A 9 12.43 -0.13 -20.08
N GLY A 10 12.34 0.42 -18.87
CA GLY A 10 13.50 1.05 -18.25
C GLY A 10 13.83 0.43 -16.91
N THR A 11 12.91 -0.36 -16.37
CA THR A 11 13.12 -1.01 -15.08
C THR A 11 12.95 -2.52 -15.20
N ASN A 12 13.88 -3.26 -14.60
CA ASN A 12 13.84 -4.71 -14.64
C ASN A 12 14.53 -5.30 -13.41
N VAL A 13 14.51 -4.56 -12.31
CA VAL A 13 15.13 -5.00 -11.07
C VAL A 13 14.19 -4.81 -9.88
N ASP A 14 14.57 -5.37 -8.74
CA ASP A 14 13.76 -5.26 -7.53
C ASP A 14 14.63 -5.22 -6.28
N LEU A 15 14.24 -4.41 -5.31
CA LEU A 15 14.98 -4.27 -4.07
C LEU A 15 14.09 -3.74 -2.95
N GLY A 16 13.03 -3.04 -3.33
CA GLY A 16 12.11 -2.50 -2.36
C GLY A 16 12.15 -0.98 -2.29
N THR A 17 12.39 -0.45 -1.09
CA THR A 17 12.47 0.99 -0.87
C THR A 17 11.12 1.63 -1.12
N LEU A 18 10.25 1.58 -0.11
CA LEU A 18 8.92 2.16 -0.22
C LEU A 18 8.99 3.68 -0.35
N GLU A 19 8.44 4.19 -1.45
CA GLU A 19 8.44 5.62 -1.72
C GLU A 19 7.00 6.14 -1.83
N GLY A 20 6.37 6.38 -0.68
CA GLY A 20 5.00 6.87 -0.68
C GLY A 20 4.42 6.91 0.71
N ASP A 21 4.36 8.10 1.30
CA ASP A 21 3.82 8.28 2.65
C ASP A 21 2.31 8.08 2.65
N GLY A 22 1.68 8.34 1.52
CA GLY A 22 0.24 8.19 1.42
C GLY A 22 -0.23 7.97 0.00
N MET A 23 -0.55 6.72 -0.34
CA MET A 23 -1.01 6.40 -1.69
C MET A 23 -2.52 6.20 -1.71
N ASN A 24 -3.25 7.31 -1.79
CA ASN A 24 -4.71 7.28 -1.82
C ASN A 24 -5.26 8.45 -2.60
N ILE A 25 -4.42 9.06 -3.43
CA ILE A 25 -4.83 10.21 -4.24
C ILE A 25 -4.13 10.18 -5.60
N GLU A 26 -2.98 9.51 -5.67
CA GLU A 26 -2.23 9.41 -6.90
C GLU A 26 -1.57 8.04 -7.05
N GLY A 27 -0.87 7.83 -8.15
CA GLY A 27 -0.22 6.57 -8.39
C GLY A 27 -0.97 5.69 -9.37
N GLU A 28 -1.68 6.33 -10.30
CA GLU A 28 -2.46 5.61 -11.31
C GLU A 28 -1.54 4.78 -12.20
N GLU A 29 -1.91 3.51 -12.42
CA GLU A 29 -1.13 2.62 -13.27
C GLU A 29 -1.64 2.65 -14.70
N LEU A 30 -0.71 2.61 -15.65
CA LEU A 30 -1.06 2.63 -17.07
C LEU A 30 -1.36 1.23 -17.57
N MET A 31 -1.21 0.24 -16.70
CA MET A 31 -1.46 -1.15 -17.05
C MET A 31 -2.94 -1.49 -16.88
N PRO A 32 -3.51 -2.28 -17.81
CA PRO A 32 -4.93 -2.67 -17.75
C PRO A 32 -5.20 -3.76 -16.71
N SER A 33 -5.97 -3.42 -15.68
CA SER A 33 -6.32 -4.38 -14.63
C SER A 33 -7.73 -4.90 -14.82
N LEU A 34 -7.89 -5.85 -15.75
CA LEU A 34 -9.19 -6.44 -16.04
C LEU A 34 -9.57 -7.48 -14.99
N GLN A 35 -10.35 -7.06 -14.00
CA GLN A 35 -10.79 -7.95 -12.93
C GLN A 35 -9.60 -8.62 -12.25
N GLU A 36 -8.95 -7.90 -11.35
CA GLU A 36 -7.80 -8.44 -10.63
C GLU A 36 -7.97 -8.27 -9.12
N ALA A 37 -8.28 -7.05 -8.69
CA ALA A 37 -8.47 -6.77 -7.28
C ALA A 37 -9.81 -6.10 -7.02
N LEU A 38 -10.39 -5.51 -8.06
CA LEU A 38 -11.69 -4.84 -7.95
C LEU A 38 -12.83 -5.84 -8.13
N SER A 39 -13.30 -6.39 -7.03
CA SER A 39 -14.39 -7.37 -7.07
C SER A 39 -15.36 -7.15 -5.90
N SER A 40 -14.85 -7.32 -4.69
CA SER A 40 -15.66 -7.15 -3.49
C SER A 40 -14.81 -6.67 -2.33
N ASP A 41 -13.67 -7.34 -2.10
CA ASP A 41 -12.77 -6.96 -1.01
C ASP A 41 -11.64 -6.08 -1.52
N ILE A 42 -11.61 -4.84 -1.05
CA ILE A 42 -10.57 -3.89 -1.45
C ILE A 42 -10.03 -3.11 -0.26
N LEU A 43 -10.20 -3.68 0.94
CA LEU A 43 -9.73 -3.03 2.17
C LEU A 43 -9.64 -4.04 3.30
N ASN A 44 -8.49 -4.08 3.97
CA ASN A 44 -8.28 -4.99 5.08
C ASN A 44 -8.40 -4.27 6.41
N ASP A 45 -9.59 -4.32 7.00
CA ASP A 45 -9.84 -3.67 8.28
C ASP A 45 -9.59 -4.65 9.42
N MET A 46 -9.38 -5.91 9.07
CA MET A 46 -9.12 -6.94 10.07
C MET A 46 -7.68 -6.86 10.55
N GLU A 47 -6.74 -6.81 9.61
CA GLU A 47 -5.34 -6.71 9.96
C GLU A 47 -5.12 -5.50 10.84
N SER A 48 -5.96 -4.48 10.60
CA SER A 48 -5.90 -3.24 11.36
C SER A 48 -6.81 -3.33 12.59
N VAL A 49 -7.82 -4.20 12.52
CA VAL A 49 -8.76 -4.37 13.63
C VAL A 49 -8.03 -4.61 14.94
N LEU A 50 -6.81 -5.14 14.84
CA LEU A 50 -6.00 -5.43 16.02
C LEU A 50 -5.33 -4.16 16.54
N ALA A 51 -4.80 -3.36 15.62
CA ALA A 51 -4.12 -2.12 15.99
C ALA A 51 -5.10 -0.95 16.02
N ALA A 52 -6.35 -1.24 16.35
CA ALA A 52 -7.40 -0.21 16.42
C ALA A 52 -7.62 0.45 15.05
N THR A 53 -6.81 1.46 14.76
CA THR A 53 -6.91 2.17 13.49
C THR A 53 -5.54 2.60 12.99
N LYS A 54 -5.00 3.67 13.57
CA LYS A 54 -3.69 4.17 13.17
C LYS A 54 -2.84 4.53 14.39
N LEU A 55 -1.65 3.97 14.46
CA LEU A 55 -0.75 4.22 15.58
C LEU A 55 0.64 4.60 15.08
N ASP A 56 0.68 5.26 13.93
CA ASP A 56 1.94 5.69 13.33
C ASP A 56 2.13 7.19 13.49
N LYS A 57 1.80 7.71 14.66
CA LYS A 57 1.94 9.13 14.95
C LYS A 57 2.58 9.35 16.32
N GLU A 58 3.89 9.23 16.38
CA GLU A 58 4.62 9.42 17.63
C GLU A 58 6.02 9.97 17.36
N SER A 59 6.09 11.26 17.04
CA SER A 59 7.37 11.92 16.75
C SER A 59 8.07 11.28 15.55
N PHE A 60 8.76 10.17 15.78
CA PHE A 60 9.46 9.46 14.73
C PHE A 60 9.09 7.98 14.72
N LEU A 61 9.66 7.23 13.78
CA LEU A 61 9.38 5.81 13.67
C LEU A 61 10.68 4.99 13.71
N THR A 62 11.07 4.57 14.90
CA THR A 62 12.28 3.78 15.07
C THR A 62 12.13 2.40 14.44
N TRP A 63 13.27 1.79 14.09
CA TRP A 63 13.27 0.47 13.47
C TRP A 63 14.54 -0.30 13.82
N LEU A 64 15.68 0.37 13.69
CA LEU A 64 16.96 -0.25 13.99
C LEU A 64 17.04 -0.67 15.45
#